data_7W1G
#
_entry.id   7W1G
#
_cell.length_a   70.556
_cell.length_b   99.236
_cell.length_c   136.933
_cell.angle_alpha   90.000
_cell.angle_beta   90.000
_cell.angle_gamma   90.000
#
_symmetry.space_group_name_H-M   'P 21 21 21'
#
loop_
_entity.id
_entity.type
_entity.pdbx_description
1 polymer 'Purine nucleoside phosphorylase YfiH'
2 non-polymer '(2R)-2-{[(2R,3R,4R,5S,6R)-3-(acetylamino)-2-{[(S)-{[(R)-{[(2R,3S,4R,5R)-5-(2,4-dioxo-3,4-dihydropyrimidin-1(2H)-yl)-3,4-dihydroxytetrahydrofuran-2-yl]methoxy}(hydroxy)phosphoryl]oxy}(hydroxy)phosphoryl]oxy}-5-hydroxy-6-(hydroxymethyl)tetrahydro-2H-pyran-4-yl]oxy}propanoic acid'
3 non-polymer 'SULFATE ION'
4 non-polymer 'ACETATE ION'
5 non-polymer 2-AMINO-2-HYDROXYMETHYL-PROPANE-1,3-DIOL
6 non-polymer '(2S)-2-[[(2R)-2-[(2R,3R,4R,5S,6R)-3-acetamido-2-[[[(2R,3S,4R,5R)-5-[2,4-bis(oxidanylidene)pyrimidin-1-yl]-3,4-bis(oxidanyl)oxolan-2-yl]methoxy-oxidanyl-phosphoryl]oxy-oxidanyl-phosphoryl]oxy-6-(hydroxymethyl)-5-oxidanyl-oxan-4-yl]oxypropanoyl]amino]-3-oxidanyl-propanoic acid'
7 water water
#
_entity_poly.entity_id   1
_entity_poly.type   'polypeptide(L)'
_entity_poly.pdbx_seq_one_letter_code
;MSKLIVPQWPQPKGVAACSSTRIGGVSLPPYDSLNLGAHCGDNPDHVEENRKRLFAAGNLPSKPVWLEQVHGKDVLKLTG
EPYASKRADASYSNTPGTVCAVMTADALPVLFCNRAGTEVAAAHAGWRGLCAGVLEETVSCFADNPENILAWLGPAIGPR
AFEVGGEVREAFMAVDAKASAAFIQHGDKYLADIYQLARQRLANVGVEQIFGGDRCTYTENETFFSYRRDKTTGRMASFI
WLILEHHHHHH
;
_entity_poly.pdbx_strand_id   A,B,C,D
#
# COMPACT_ATOMS: atom_id res chain seq x y z
N SER A 2 8.53 12.50 22.31
CA SER A 2 8.33 11.21 23.04
C SER A 2 7.07 10.51 22.51
N LYS A 3 6.47 9.65 23.33
CA LYS A 3 5.10 9.10 23.18
C LYS A 3 4.06 10.20 22.92
N LEU A 4 4.27 11.45 23.35
CA LEU A 4 3.21 12.49 23.37
C LEU A 4 3.22 13.34 22.11
N ILE A 5 2.03 13.68 21.64
CA ILE A 5 1.80 14.69 20.59
C ILE A 5 1.58 16.03 21.30
N VAL A 6 2.27 17.09 20.86
CA VAL A 6 2.02 18.49 21.30
C VAL A 6 1.19 19.16 20.22
N PRO A 7 -0.05 19.63 20.51
CA PRO A 7 -0.86 20.31 19.51
C PRO A 7 -0.08 21.45 18.84
N GLN A 8 -0.14 21.50 17.50
CA GLN A 8 0.42 22.61 16.67
C GLN A 8 -0.68 23.65 16.49
N TRP A 9 -0.74 24.58 17.44
CA TRP A 9 -1.72 25.70 17.50
C TRP A 9 -1.04 26.87 18.22
N PRO A 10 -1.54 28.11 18.02
CA PRO A 10 -0.98 29.28 18.70
C PRO A 10 -1.45 29.29 20.16
N GLN A 11 -0.86 28.39 20.96
CA GLN A 11 -1.21 28.06 22.37
C GLN A 11 -0.83 29.23 23.30
N PRO A 12 -1.78 29.87 24.03
CA PRO A 12 -1.44 30.85 25.06
C PRO A 12 -0.35 30.39 26.04
N LYS A 13 0.45 31.32 26.57
CA LYS A 13 1.49 31.05 27.60
C LYS A 13 0.88 30.31 28.81
N GLY A 14 -0.35 30.65 29.19
CA GLY A 14 -1.05 30.07 30.35
C GLY A 14 -1.59 28.67 30.11
N VAL A 15 -1.46 28.14 28.90
CA VAL A 15 -2.07 26.85 28.48
C VAL A 15 -0.99 25.82 28.23
N ALA A 16 -1.28 24.60 28.66
CA ALA A 16 -0.50 23.37 28.36
C ALA A 16 -1.44 22.29 27.80
N ALA A 17 -0.99 21.52 26.83
CA ALA A 17 -1.84 20.45 26.24
C ALA A 17 -0.96 19.33 25.70
N CYS A 18 -1.52 18.12 25.64
CA CYS A 18 -0.85 16.94 25.06
C CYS A 18 -1.89 15.87 24.73
N SER A 19 -1.53 14.98 23.83
CA SER A 19 -2.42 13.91 23.35
C SER A 19 -1.57 12.65 23.29
N SER A 20 -2.01 11.58 23.97
CA SER A 20 -1.18 10.35 24.10
C SER A 20 -1.22 9.53 22.81
N THR A 21 -0.26 8.62 22.69
CA THR A 21 -0.22 7.61 21.62
C THR A 21 -0.21 6.25 22.31
N ARG A 22 -0.11 5.18 21.53
CA ARG A 22 -0.11 3.81 22.08
C ARG A 22 1.28 3.43 22.59
N ILE A 23 2.27 4.32 22.48
CA ILE A 23 3.70 3.99 22.76
C ILE A 23 4.03 4.25 24.22
N GLY A 24 4.87 3.41 24.81
CA GLY A 24 5.58 3.75 26.07
C GLY A 24 4.89 3.26 27.33
N GLY A 25 3.98 2.28 27.23
CA GLY A 25 3.25 1.71 28.37
C GLY A 25 3.68 0.28 28.67
N VAL A 26 2.85 -0.47 29.39
CA VAL A 26 3.18 -1.86 29.88
C VAL A 26 2.15 -2.88 29.41
N SER A 27 1.02 -2.49 28.78
CA SER A 27 -0.05 -3.47 28.44
C SER A 27 0.40 -4.35 27.27
N LEU A 28 -0.09 -5.58 27.26
CA LEU A 28 0.24 -6.61 26.24
C LEU A 28 -0.79 -6.47 25.13
N PRO A 29 -0.49 -6.96 23.91
CA PRO A 29 -1.44 -6.94 22.81
C PRO A 29 -2.76 -7.60 23.20
N PRO A 30 -3.92 -7.08 22.76
CA PRO A 30 -4.02 -6.01 21.74
C PRO A 30 -4.12 -4.57 22.27
N TYR A 31 -3.84 -4.39 23.56
CA TYR A 31 -3.82 -3.13 24.35
C TYR A 31 -2.43 -2.47 24.29
N ASP A 32 -1.54 -2.98 23.44
CA ASP A 32 -0.09 -2.62 23.45
C ASP A 32 0.12 -1.17 23.00
N SER A 33 0.67 -0.29 23.83
CA SER A 33 1.16 -0.55 25.18
C SER A 33 0.60 0.46 26.17
N LEU A 34 0.46 1.75 25.80
CA LEU A 34 -0.02 2.82 26.72
C LEU A 34 -1.54 2.91 26.68
N ASN A 35 -2.22 1.86 27.11
CA ASN A 35 -3.69 1.81 27.17
C ASN A 35 -4.15 2.55 28.43
N LEU A 36 -4.95 3.63 28.27
CA LEU A 36 -5.49 4.46 29.40
C LEU A 36 -6.94 4.09 29.72
N GLY A 37 -7.54 3.18 28.94
CA GLY A 37 -8.94 2.71 29.08
C GLY A 37 -9.12 1.64 30.16
N ALA A 38 -10.03 1.84 31.11
CA ALA A 38 -10.31 0.88 32.21
C ALA A 38 -11.53 0.00 31.88
N HIS A 39 -12.22 0.20 30.77
CA HIS A 39 -13.43 -0.61 30.47
C HIS A 39 -13.30 -1.37 29.16
N CYS A 40 -12.09 -1.69 28.69
CA CYS A 40 -11.94 -2.38 27.37
C CYS A 40 -11.30 -3.77 27.56
N GLY A 41 -11.17 -4.23 28.81
CA GLY A 41 -10.85 -5.63 29.17
C GLY A 41 -9.38 -5.86 29.42
N ASP A 42 -8.60 -4.80 29.64
CA ASP A 42 -7.14 -4.90 29.89
C ASP A 42 -6.93 -5.20 31.38
N ASN A 43 -5.71 -5.59 31.73
CA ASN A 43 -5.27 -5.74 33.14
C ASN A 43 -5.42 -4.40 33.85
N PRO A 44 -6.27 -4.27 34.89
CA PRO A 44 -6.40 -3.02 35.63
C PRO A 44 -5.08 -2.48 36.21
N ASP A 45 -4.15 -3.36 36.55
CA ASP A 45 -2.82 -2.95 37.07
C ASP A 45 -1.99 -2.30 35.95
N HIS A 46 -2.08 -2.80 34.72
CA HIS A 46 -1.38 -2.26 33.54
C HIS A 46 -1.94 -0.87 33.22
N VAL A 47 -3.27 -0.74 33.21
CA VAL A 47 -3.93 0.57 32.94
C VAL A 47 -3.45 1.59 33.99
N GLU A 48 -3.49 1.22 35.27
CA GLU A 48 -3.02 2.05 36.41
C GLU A 48 -1.60 2.58 36.14
N GLU A 49 -0.71 1.67 35.74
CA GLU A 49 0.73 1.96 35.47
C GLU A 49 0.84 2.86 34.23
N ASN A 50 0.02 2.61 33.19
CA ASN A 50 0.01 3.46 31.97
C ASN A 50 -0.43 4.87 32.37
N ARG A 51 -1.47 5.02 33.20
CA ARG A 51 -1.99 6.37 33.59
C ARG A 51 -0.92 7.13 34.39
N LYS A 52 -0.10 6.41 35.16
CA LYS A 52 1.07 6.98 35.88
C LYS A 52 2.14 7.44 34.89
N ARG A 53 2.54 6.58 33.95
CA ARG A 53 3.53 6.95 32.90
C ARG A 53 3.07 8.24 32.21
N LEU A 54 1.78 8.34 31.88
CA LEU A 54 1.19 9.52 31.20
C LEU A 54 1.39 10.77 32.05
N PHE A 55 0.99 10.67 33.31
CA PHE A 55 1.08 11.78 34.31
C PHE A 55 2.50 12.32 34.29
N ALA A 56 3.50 11.45 34.32
CA ALA A 56 4.93 11.84 34.40
C ALA A 56 5.40 12.39 33.05
N ALA A 57 5.13 11.69 31.95
CA ALA A 57 5.59 12.11 30.61
C ALA A 57 5.02 13.49 30.27
N GLY A 58 3.76 13.74 30.62
CA GLY A 58 3.09 15.01 30.27
C GLY A 58 3.38 16.11 31.27
N ASN A 59 4.08 15.79 32.37
CA ASN A 59 4.33 16.73 33.50
C ASN A 59 3.01 17.39 33.91
N LEU A 60 1.95 16.60 34.02
CA LEU A 60 0.62 17.10 34.46
C LEU A 60 0.75 17.59 35.90
N PRO A 61 0.11 18.72 36.26
CA PRO A 61 0.18 19.27 37.61
C PRO A 61 -0.72 18.56 38.62
N SER A 62 -1.72 17.83 38.12
CA SER A 62 -2.67 17.06 38.95
C SER A 62 -3.21 15.89 38.12
N LYS A 63 -3.88 14.95 38.77
CA LYS A 63 -4.45 13.74 38.14
C LYS A 63 -5.56 14.15 37.16
N PRO A 64 -5.59 13.56 35.94
CA PRO A 64 -6.62 13.92 34.97
C PRO A 64 -8.00 13.66 35.57
N VAL A 65 -9.01 14.50 35.32
CA VAL A 65 -10.41 14.18 35.75
C VAL A 65 -11.09 13.36 34.63
N TRP A 66 -10.93 12.04 34.71
CA TRP A 66 -11.61 11.05 33.82
C TRP A 66 -13.12 11.17 33.98
N LEU A 67 -13.81 11.24 32.84
CA LEU A 67 -15.28 11.34 32.79
C LEU A 67 -15.89 9.94 32.63
N GLU A 68 -17.14 9.77 33.03
CA GLU A 68 -17.97 8.59 32.68
C GLU A 68 -18.61 8.93 31.32
N GLN A 69 -17.90 8.65 30.23
CA GLN A 69 -18.25 9.13 28.87
C GLN A 69 -19.39 8.24 28.38
N VAL A 70 -20.47 8.82 27.86
CA VAL A 70 -21.67 8.07 27.41
C VAL A 70 -22.03 8.45 25.97
N HIS A 71 -21.08 9.03 25.24
CA HIS A 71 -21.25 9.50 23.85
C HIS A 71 -22.44 10.49 23.78
N GLY A 72 -22.61 11.34 24.78
CA GLY A 72 -23.60 12.43 24.73
C GLY A 72 -22.95 13.79 24.60
N LYS A 73 -23.70 14.83 24.93
CA LYS A 73 -23.31 16.24 24.77
C LYS A 73 -23.22 16.95 26.15
N ASP A 74 -23.16 16.23 27.27
CA ASP A 74 -23.05 16.90 28.59
C ASP A 74 -21.60 17.36 28.86
N VAL A 75 -21.45 18.57 29.37
CA VAL A 75 -20.13 19.14 29.78
C VAL A 75 -20.09 19.20 31.32
N LEU A 76 -19.00 18.75 31.92
CA LEU A 76 -18.71 18.82 33.37
C LEU A 76 -17.77 20.02 33.64
N LYS A 77 -18.28 21.07 34.30
CA LYS A 77 -17.45 22.21 34.79
C LYS A 77 -16.64 21.71 35.98
N LEU A 78 -15.31 21.81 35.92
CA LEU A 78 -14.36 21.15 36.84
C LEU A 78 -14.06 22.07 38.04
N THR A 79 -15.07 22.26 38.90
CA THR A 79 -15.05 23.22 40.02
C THR A 79 -14.32 22.65 41.26
N GLY A 80 -14.04 21.34 41.30
CA GLY A 80 -13.26 20.70 42.36
C GLY A 80 -13.76 19.30 42.72
N GLU A 81 -12.80 18.39 42.95
CA GLU A 81 -13.00 16.97 43.36
CA GLU A 81 -13.03 16.98 43.36
C GLU A 81 -13.25 16.98 44.87
N PRO A 82 -14.00 16.00 45.46
CA PRO A 82 -14.76 14.97 44.73
C PRO A 82 -15.95 15.50 43.92
N TYR A 83 -16.37 14.70 42.93
CA TYR A 83 -17.50 14.96 42.02
C TYR A 83 -18.60 13.92 42.29
N ALA A 84 -19.86 14.37 42.35
CA ALA A 84 -21.05 13.52 42.59
C ALA A 84 -21.26 12.61 41.38
N SER A 85 -21.24 13.19 40.18
CA SER A 85 -21.39 12.50 38.86
C SER A 85 -20.48 13.13 37.82
N LYS A 86 -19.66 12.30 37.17
CA LYS A 86 -18.79 12.71 36.04
C LYS A 86 -19.39 12.17 34.74
N ARG A 87 -20.71 11.95 34.72
CA ARG A 87 -21.49 11.48 33.53
C ARG A 87 -21.49 12.61 32.50
N ALA A 88 -20.52 12.59 31.58
CA ALA A 88 -20.25 13.71 30.64
C ALA A 88 -19.30 13.29 29.52
N ASP A 89 -19.27 14.06 28.45
CA ASP A 89 -18.39 13.75 27.30
C ASP A 89 -17.43 14.92 27.01
N ALA A 90 -17.37 15.89 27.92
CA ALA A 90 -16.53 17.10 27.80
C ALA A 90 -16.36 17.67 29.19
N SER A 91 -15.24 18.34 29.42
CA SER A 91 -14.97 19.07 30.68
C SER A 91 -14.47 20.47 30.33
N TYR A 92 -14.75 21.41 31.22
CA TYR A 92 -14.39 22.83 31.12
C TYR A 92 -13.63 23.22 32.39
N SER A 93 -12.50 23.95 32.28
CA SER A 93 -11.78 24.48 33.47
C SER A 93 -11.37 25.96 33.30
N ASN A 94 -11.52 26.72 34.38
CA ASN A 94 -10.95 28.08 34.53
C ASN A 94 -10.05 28.06 35.78
N THR A 95 -9.68 26.87 36.24
CA THR A 95 -8.92 26.66 37.50
C THR A 95 -7.51 26.20 37.16
N PRO A 96 -6.50 27.04 37.43
CA PRO A 96 -5.11 26.63 37.30
C PRO A 96 -4.84 25.28 37.99
N GLY A 97 -4.10 24.41 37.30
CA GLY A 97 -3.63 23.12 37.81
C GLY A 97 -4.59 21.98 37.57
N THR A 98 -5.83 22.27 37.16
CA THR A 98 -6.89 21.25 36.90
C THR A 98 -6.75 20.70 35.46
N VAL A 99 -6.78 19.38 35.29
CA VAL A 99 -6.51 18.72 33.97
C VAL A 99 -7.81 18.19 33.38
N CYS A 100 -8.25 18.81 32.28
CA CYS A 100 -9.34 18.30 31.41
C CYS A 100 -8.78 17.11 30.60
N ALA A 101 -9.53 16.01 30.51
CA ALA A 101 -9.11 14.75 29.84
C ALA A 101 -10.31 14.07 29.16
N VAL A 102 -10.13 13.71 27.88
CA VAL A 102 -11.11 12.93 27.07
C VAL A 102 -10.39 11.69 26.50
N MET A 103 -11.09 10.56 26.57
CA MET A 103 -10.56 9.22 26.26
C MET A 103 -11.08 8.81 24.87
N THR A 104 -10.21 8.41 23.95
CA THR A 104 -10.61 8.08 22.55
C THR A 104 -9.77 6.96 21.94
N ALA A 105 -10.33 6.35 20.88
CA ALA A 105 -9.65 5.40 19.97
C ALA A 105 -10.45 5.35 18.65
N ASP A 106 -10.67 6.55 18.11
CA ASP A 106 -11.27 6.85 16.78
C ASP A 106 -12.14 8.10 16.93
N ALA A 107 -12.83 8.24 18.06
CA ALA A 107 -13.63 9.46 18.34
C ALA A 107 -12.72 10.68 18.24
N LEU A 108 -13.25 11.81 17.77
CA LEU A 108 -12.51 13.08 17.74
C LEU A 108 -12.40 13.69 19.15
N PRO A 109 -11.16 13.90 19.66
CA PRO A 109 -10.92 14.74 20.82
C PRO A 109 -10.76 16.18 20.31
N VAL A 110 -11.47 17.12 20.91
CA VAL A 110 -11.28 18.55 20.59
C VAL A 110 -10.81 19.23 21.86
N LEU A 111 -9.69 19.91 21.76
CA LEU A 111 -9.11 20.73 22.85
C LEU A 111 -9.37 22.19 22.52
N PHE A 112 -9.78 22.95 23.53
CA PHE A 112 -10.21 24.35 23.39
C PHE A 112 -9.49 25.23 24.43
N CYS A 113 -9.25 26.49 24.09
CA CYS A 113 -8.75 27.50 25.04
C CYS A 113 -9.17 28.86 24.49
N ASN A 114 -9.17 29.88 25.33
CA ASN A 114 -9.41 31.27 24.88
C ASN A 114 -8.05 31.94 24.65
N ARG A 115 -8.03 33.04 23.88
CA ARG A 115 -6.79 33.77 23.49
C ARG A 115 -6.06 34.21 24.76
N ALA A 116 -6.80 34.59 25.80
CA ALA A 116 -6.23 35.09 27.08
C ALA A 116 -5.48 33.96 27.79
N GLY A 117 -5.88 32.69 27.58
CA GLY A 117 -5.23 31.56 28.26
C GLY A 117 -5.65 31.55 29.72
N THR A 118 -6.95 31.66 29.97
CA THR A 118 -7.61 31.67 31.30
C THR A 118 -8.81 30.69 31.37
N GLU A 119 -9.20 30.09 30.24
CA GLU A 119 -10.23 29.01 30.15
C GLU A 119 -9.77 27.92 29.19
N VAL A 120 -10.04 26.65 29.54
CA VAL A 120 -9.76 25.47 28.66
C VAL A 120 -10.92 24.48 28.72
N ALA A 121 -10.98 23.62 27.74
CA ALA A 121 -11.93 22.49 27.76
C ALA A 121 -11.42 21.37 26.84
N ALA A 122 -11.95 20.17 27.07
CA ALA A 122 -11.70 18.97 26.24
C ALA A 122 -13.04 18.28 25.97
N ALA A 123 -13.29 17.91 24.72
CA ALA A 123 -14.54 17.25 24.36
C ALA A 123 -14.26 15.92 23.67
N HIS A 124 -15.03 14.91 24.05
CA HIS A 124 -15.11 13.60 23.37
C HIS A 124 -16.21 13.66 22.31
N ALA A 125 -15.82 13.71 21.02
CA ALA A 125 -16.77 13.82 19.90
C ALA A 125 -16.64 12.58 19.02
N GLY A 126 -17.15 11.47 19.52
CA GLY A 126 -17.60 10.36 18.64
C GLY A 126 -18.76 10.84 17.78
N TRP A 127 -19.11 10.14 16.71
CA TRP A 127 -20.20 10.61 15.81
C TRP A 127 -21.49 10.90 16.59
N ARG A 128 -21.82 10.08 17.58
N ARG A 128 -21.82 10.08 17.58
CA ARG A 128 -23.09 10.25 18.34
CA ARG A 128 -23.10 10.25 18.34
C ARG A 128 -23.09 11.61 19.02
C ARG A 128 -23.09 11.62 19.01
N GLY A 129 -22.06 11.91 19.81
CA GLY A 129 -21.95 13.17 20.57
C GLY A 129 -21.70 14.37 19.66
N LEU A 130 -20.83 14.24 18.66
CA LEU A 130 -20.59 15.27 17.63
C LEU A 130 -21.93 15.69 17.04
N CYS A 131 -22.70 14.72 16.57
CA CYS A 131 -24.06 14.97 16.00
C CYS A 131 -24.92 15.67 17.05
N ALA A 132 -24.90 15.22 18.30
CA ALA A 132 -25.81 15.72 19.35
C ALA A 132 -25.50 17.18 19.75
N GLY A 133 -24.27 17.63 19.56
CA GLY A 133 -23.84 19.01 19.86
C GLY A 133 -22.82 19.11 20.97
N VAL A 134 -22.01 18.09 21.22
CA VAL A 134 -21.03 18.17 22.35
C VAL A 134 -20.09 19.37 22.15
N LEU A 135 -19.68 19.68 20.91
CA LEU A 135 -18.72 20.78 20.65
C LEU A 135 -19.39 22.13 20.95
N GLU A 136 -20.63 22.28 20.54
CA GLU A 136 -21.39 23.54 20.73
C GLU A 136 -21.60 23.78 22.23
N GLU A 137 -21.91 22.72 22.98
CA GLU A 137 -22.16 22.76 24.44
C GLU A 137 -20.86 23.10 25.18
N THR A 138 -19.73 22.63 24.69
CA THR A 138 -18.40 22.88 25.28
C THR A 138 -18.06 24.37 25.13
N VAL A 139 -18.23 24.88 23.91
CA VAL A 139 -17.99 26.31 23.54
C VAL A 139 -18.92 27.20 24.36
N SER A 140 -20.17 26.78 24.59
CA SER A 140 -21.17 27.58 25.34
C SER A 140 -20.79 27.68 26.83
N CYS A 141 -19.92 26.81 27.37
CA CYS A 141 -19.43 26.90 28.79
C CYS A 141 -18.38 28.01 28.95
N PHE A 142 -17.74 28.49 27.87
CA PHE A 142 -16.72 29.56 27.95
C PHE A 142 -17.42 30.88 28.31
N ALA A 143 -16.80 31.69 29.14
CA ALA A 143 -17.22 33.09 29.37
C ALA A 143 -16.86 33.91 28.14
N ASP A 144 -15.66 33.69 27.60
CA ASP A 144 -15.16 34.39 26.40
C ASP A 144 -16.08 34.07 25.21
N ASN A 145 -16.25 35.07 24.34
CA ASN A 145 -16.98 34.97 23.05
C ASN A 145 -16.25 33.97 22.15
N PRO A 146 -16.96 33.14 21.35
CA PRO A 146 -16.31 32.22 20.41
C PRO A 146 -15.25 32.82 19.47
N GLU A 147 -15.35 34.11 19.14
CA GLU A 147 -14.36 34.82 18.29
C GLU A 147 -12.98 34.72 18.94
N ASN A 148 -12.92 34.55 20.27
CA ASN A 148 -11.66 34.55 21.04
C ASN A 148 -11.30 33.12 21.49
N ILE A 149 -11.97 32.12 20.94
CA ILE A 149 -11.75 30.69 21.31
C ILE A 149 -10.94 30.02 20.21
N LEU A 150 -9.94 29.21 20.61
CA LEU A 150 -9.11 28.36 19.73
C LEU A 150 -9.54 26.90 19.94
N ALA A 151 -9.55 26.12 18.88
CA ALA A 151 -9.86 24.66 18.93
C ALA A 151 -8.83 23.84 18.16
N TRP A 152 -8.52 22.67 18.71
CA TRP A 152 -7.54 21.72 18.15
C TRP A 152 -8.23 20.38 17.98
N LEU A 153 -8.31 19.95 16.73
CA LEU A 153 -8.85 18.66 16.27
C LEU A 153 -7.76 17.63 16.49
N GLY A 154 -7.95 16.79 17.52
CA GLY A 154 -7.02 15.70 17.88
C GLY A 154 -7.09 14.51 16.95
N PRO A 155 -6.22 13.50 17.15
CA PRO A 155 -6.24 12.30 16.34
C PRO A 155 -7.57 11.53 16.45
N ALA A 156 -8.19 11.30 15.29
CA ALA A 156 -9.49 10.63 15.15
C ALA A 156 -9.48 9.81 13.87
N ILE A 157 -10.56 9.06 13.65
CA ILE A 157 -10.65 8.18 12.46
C ILE A 157 -10.93 9.08 11.25
N GLY A 158 -9.95 9.18 10.34
CA GLY A 158 -9.99 10.08 9.18
C GLY A 158 -10.93 9.61 8.08
N PRO A 159 -11.24 10.47 7.08
CA PRO A 159 -12.18 10.12 6.03
C PRO A 159 -11.71 9.03 5.06
N ARG A 160 -10.45 8.60 5.10
CA ARG A 160 -10.00 7.41 4.32
C ARG A 160 -10.66 6.14 4.87
N ALA A 161 -11.03 6.14 6.16
CA ALA A 161 -11.24 4.92 6.97
C ALA A 161 -12.65 4.87 7.58
N PHE A 162 -13.29 6.01 7.81
CA PHE A 162 -14.52 6.09 8.64
C PHE A 162 -15.75 5.80 7.77
N GLU A 163 -15.92 4.51 7.45
CA GLU A 163 -17.10 3.93 6.77
C GLU A 163 -18.30 3.93 7.73
N VAL A 164 -19.40 4.57 7.33
CA VAL A 164 -20.65 4.59 8.14
C VAL A 164 -21.83 4.24 7.22
N GLY A 165 -22.89 3.68 7.78
CA GLY A 165 -24.19 3.45 7.10
C GLY A 165 -24.98 4.75 7.01
N GLY A 166 -26.05 4.76 6.22
CA GLY A 166 -26.91 5.94 5.99
C GLY A 166 -27.58 6.41 7.27
N GLU A 167 -27.60 5.58 8.31
CA GLU A 167 -28.21 5.88 9.63
C GLU A 167 -27.49 7.09 10.22
N VAL A 168 -26.17 7.03 10.24
CA VAL A 168 -25.30 8.12 10.77
C VAL A 168 -25.48 9.38 9.90
N ARG A 169 -25.50 9.26 8.55
CA ARG A 169 -25.68 10.43 7.66
C ARG A 169 -27.06 11.04 7.97
N GLU A 170 -28.13 10.23 8.08
CA GLU A 170 -29.50 10.72 8.38
C GLU A 170 -29.48 11.60 9.63
N ALA A 171 -28.81 11.11 10.69
CA ALA A 171 -28.74 11.74 12.04
C ALA A 171 -28.13 13.13 11.93
N PHE A 172 -26.99 13.28 11.24
CA PHE A 172 -26.32 14.60 11.07
C PHE A 172 -27.21 15.54 10.21
N MET A 173 -27.74 15.05 9.09
CA MET A 173 -28.53 15.90 8.14
C MET A 173 -29.83 16.37 8.82
N ALA A 174 -30.41 15.54 9.71
CA ALA A 174 -31.58 15.89 10.54
C ALA A 174 -31.33 17.17 11.32
N VAL A 175 -30.08 17.40 11.76
CA VAL A 175 -29.71 18.52 12.68
C VAL A 175 -29.23 19.74 11.86
N ASP A 176 -28.61 19.50 10.71
CA ASP A 176 -27.89 20.54 9.90
C ASP A 176 -27.62 19.94 8.52
N ALA A 177 -28.49 20.15 7.54
CA ALA A 177 -28.48 19.44 6.24
C ALA A 177 -27.09 19.51 5.60
N LYS A 178 -26.39 20.63 5.79
CA LYS A 178 -25.07 20.88 5.17
C LYS A 178 -24.08 19.78 5.58
N ALA A 179 -24.37 18.97 6.62
CA ALA A 179 -23.50 17.83 7.00
C ALA A 179 -23.35 16.89 5.79
N SER A 180 -24.31 16.92 4.86
CA SER A 180 -24.26 16.13 3.60
C SER A 180 -22.87 16.15 2.97
N ALA A 181 -22.22 17.31 2.90
CA ALA A 181 -20.89 17.52 2.28
C ALA A 181 -19.85 16.53 2.81
N ALA A 182 -19.89 16.22 4.11
CA ALA A 182 -18.90 15.39 4.84
C ALA A 182 -19.10 13.89 4.63
N PHE A 183 -20.12 13.43 3.90
CA PHE A 183 -20.43 11.98 3.66
C PHE A 183 -20.30 11.70 2.16
N ILE A 184 -19.39 10.81 1.77
CA ILE A 184 -19.08 10.51 0.35
C ILE A 184 -19.49 9.06 0.07
N GLN A 185 -20.39 8.82 -0.89
CA GLN A 185 -20.79 7.43 -1.28
C GLN A 185 -19.52 6.60 -1.48
N HIS A 186 -19.56 5.36 -0.97
CA HIS A 186 -18.46 4.37 -0.94
C HIS A 186 -19.10 2.98 -0.88
N GLY A 187 -19.41 2.40 -2.04
CA GLY A 187 -20.15 1.13 -2.14
C GLY A 187 -21.59 1.30 -1.69
N ASP A 188 -22.03 0.54 -0.70
CA ASP A 188 -23.41 0.60 -0.14
C ASP A 188 -23.37 1.49 1.11
N LYS A 189 -22.22 2.05 1.45
CA LYS A 189 -22.04 2.87 2.68
C LYS A 189 -21.48 4.24 2.27
N TYR A 190 -21.05 5.02 3.27
CA TYR A 190 -20.47 6.37 3.09
C TYR A 190 -19.15 6.40 3.86
N LEU A 191 -18.20 7.18 3.36
CA LEU A 191 -17.04 7.65 4.12
C LEU A 191 -17.43 8.98 4.77
N ALA A 192 -17.31 9.07 6.10
CA ALA A 192 -17.61 10.30 6.86
C ALA A 192 -16.30 11.02 7.15
N ASP A 193 -16.30 12.35 6.99
CA ASP A 193 -15.19 13.25 7.34
C ASP A 193 -15.54 13.88 8.70
N ILE A 194 -15.03 13.29 9.77
CA ILE A 194 -15.32 13.74 11.16
C ILE A 194 -14.70 15.14 11.37
N TYR A 195 -13.53 15.43 10.79
CA TYR A 195 -12.89 16.75 10.98
C TYR A 195 -13.77 17.83 10.33
N GLN A 196 -14.23 17.58 9.11
CA GLN A 196 -15.21 18.42 8.38
C GLN A 196 -16.46 18.65 9.24
N LEU A 197 -17.06 17.61 9.82
CA LEU A 197 -18.31 17.78 10.63
C LEU A 197 -18.03 18.67 11.85
N ALA A 198 -16.86 18.50 12.47
CA ALA A 198 -16.37 19.28 13.62
C ALA A 198 -16.21 20.76 13.19
N ARG A 199 -15.68 21.00 11.99
CA ARG A 199 -15.43 22.36 11.45
C ARG A 199 -16.78 23.03 11.22
N GLN A 200 -17.77 22.27 10.77
CA GLN A 200 -19.18 22.75 10.57
C GLN A 200 -19.77 23.22 11.91
N ARG A 201 -19.75 22.35 12.90
CA ARG A 201 -20.33 22.63 14.24
C ARG A 201 -19.60 23.81 14.88
N LEU A 202 -18.26 23.85 14.80
CA LEU A 202 -17.46 24.94 15.40
C LEU A 202 -17.83 26.27 14.73
N ALA A 203 -17.90 26.30 13.41
CA ALA A 203 -18.28 27.48 12.59
C ALA A 203 -19.68 27.92 12.99
N ASN A 204 -20.58 26.95 13.27
CA ASN A 204 -21.99 27.22 13.63
C ASN A 204 -22.06 28.09 14.89
N VAL A 205 -21.13 27.94 15.84
CA VAL A 205 -21.11 28.72 17.10
C VAL A 205 -20.08 29.87 17.01
N GLY A 206 -19.42 30.07 15.86
CA GLY A 206 -18.47 31.18 15.64
C GLY A 206 -17.04 30.91 16.09
N VAL A 207 -16.66 29.65 16.29
CA VAL A 207 -15.22 29.30 16.46
C VAL A 207 -14.60 29.15 15.05
N GLU A 208 -13.59 29.98 14.76
CA GLU A 208 -13.04 30.15 13.40
C GLU A 208 -11.57 29.71 13.37
N GLN A 209 -10.93 29.72 14.52
CA GLN A 209 -9.48 29.45 14.67
C GLN A 209 -9.34 27.98 15.05
N ILE A 210 -9.20 27.16 14.02
CA ILE A 210 -9.27 25.68 14.16
C ILE A 210 -7.95 25.09 13.67
N PHE A 211 -7.36 24.21 14.48
CA PHE A 211 -6.03 23.64 14.19
C PHE A 211 -6.14 22.13 14.26
N GLY A 212 -5.08 21.45 13.85
CA GLY A 212 -5.02 19.98 13.82
C GLY A 212 -5.83 19.38 12.69
N GLY A 213 -6.25 18.13 12.83
CA GLY A 213 -7.08 17.44 11.82
C GLY A 213 -6.23 16.69 10.81
N ASP A 214 -4.94 16.46 11.10
CA ASP A 214 -3.94 15.93 10.13
C ASP A 214 -3.70 14.43 10.36
N ARG A 215 -4.23 13.86 11.46
CA ARG A 215 -3.95 12.44 11.81
C ARG A 215 -5.09 11.50 11.43
N CYS A 216 -4.82 10.20 11.53
CA CYS A 216 -5.82 9.14 11.32
C CYS A 216 -5.49 7.96 12.24
N THR A 217 -6.33 7.71 13.24
CA THR A 217 -6.15 6.66 14.27
C THR A 217 -6.15 5.28 13.59
N TYR A 218 -6.97 5.11 12.56
CA TYR A 218 -7.09 3.79 11.87
C TYR A 218 -5.81 3.53 11.07
N THR A 219 -5.46 4.48 10.18
CA THR A 219 -4.31 4.36 9.23
C THR A 219 -2.98 4.33 9.99
N GLU A 220 -2.80 5.15 11.02
CA GLU A 220 -1.47 5.29 11.69
C GLU A 220 -1.38 4.32 12.86
N ASN A 221 -1.35 3.01 12.57
CA ASN A 221 -1.45 1.92 13.58
C ASN A 221 -0.21 1.87 14.46
N GLU A 222 0.97 2.30 13.99
CA GLU A 222 2.16 2.30 14.87
C GLU A 222 1.94 3.30 16.02
N THR A 223 1.03 4.28 15.87
CA THR A 223 0.92 5.45 16.80
C THR A 223 -0.37 5.37 17.62
N PHE A 224 -1.48 4.99 17.00
CA PHE A 224 -2.80 5.01 17.67
C PHE A 224 -3.48 3.65 17.80
N PHE A 225 -4.22 3.47 18.90
CA PHE A 225 -5.32 2.47 18.97
C PHE A 225 -6.44 2.95 18.05
N SER A 226 -7.19 2.00 17.50
CA SER A 226 -8.41 2.27 16.73
C SER A 226 -9.41 1.16 17.05
N TYR A 227 -10.59 1.55 17.51
CA TYR A 227 -11.71 0.61 17.72
C TYR A 227 -12.09 0.02 16.37
N ARG A 228 -12.26 0.86 15.34
CA ARG A 228 -12.62 0.37 13.97
C ARG A 228 -11.61 -0.68 13.50
N ARG A 229 -10.31 -0.37 13.53
CA ARG A 229 -9.25 -1.30 13.05
C ARG A 229 -9.18 -2.58 13.90
N ASP A 230 -9.07 -2.45 15.23
CA ASP A 230 -8.64 -3.55 16.13
C ASP A 230 -9.86 -4.25 16.77
N LYS A 231 -10.94 -3.53 17.04
CA LYS A 231 -12.19 -3.99 17.73
C LYS A 231 -11.89 -4.14 19.24
N THR A 232 -11.04 -5.09 19.64
CA THR A 232 -10.54 -5.21 21.03
C THR A 232 -9.22 -4.46 21.11
N THR A 233 -9.14 -3.33 21.82
CA THR A 233 -7.94 -2.46 21.78
C THR A 233 -7.95 -1.48 22.96
N GLY A 234 -6.92 -0.64 23.03
CA GLY A 234 -6.73 0.34 24.12
C GLY A 234 -7.36 1.68 23.79
N ARG A 235 -7.12 2.65 24.65
CA ARG A 235 -7.64 4.03 24.51
C ARG A 235 -6.48 5.00 24.74
N MET A 236 -6.45 6.05 23.93
CA MET A 236 -5.57 7.23 24.10
C MET A 236 -6.38 8.24 24.90
N ALA A 237 -5.77 9.36 25.26
CA ALA A 237 -6.53 10.49 25.78
C ALA A 237 -5.82 11.77 25.37
N SER A 238 -6.62 12.81 25.35
CA SER A 238 -6.17 14.20 25.07
C SER A 238 -6.44 15.03 26.31
N PHE A 239 -5.48 15.90 26.62
CA PHE A 239 -5.37 16.62 27.91
C PHE A 239 -5.07 18.09 27.64
N ILE A 240 -5.71 18.94 28.43
CA ILE A 240 -5.39 20.40 28.46
C ILE A 240 -5.59 20.93 29.89
N TRP A 241 -4.81 21.94 30.25
CA TRP A 241 -4.88 22.54 31.61
C TRP A 241 -4.29 23.96 31.57
N LEU A 242 -4.66 24.77 32.53
CA LEU A 242 -4.02 26.08 32.80
C LEU A 242 -2.83 25.81 33.73
N ILE A 243 -1.67 26.40 33.43
CA ILE A 243 -0.33 26.01 33.98
C ILE A 243 -0.19 26.44 35.45
N SER B 2 3.56 19.64 9.79
CA SER B 2 4.58 20.05 8.78
C SER B 2 4.14 21.34 8.09
N LYS B 3 4.67 21.59 6.90
CA LYS B 3 4.26 22.71 6.02
C LYS B 3 2.93 22.36 5.33
N LEU B 4 2.60 21.07 5.22
CA LEU B 4 1.71 20.58 4.13
C LEU B 4 0.42 19.99 4.67
N ILE B 5 -0.64 20.15 3.88
CA ILE B 5 -1.91 19.39 3.99
C ILE B 5 -1.84 18.22 3.02
N VAL B 6 -2.07 17.02 3.53
CA VAL B 6 -2.24 15.81 2.69
C VAL B 6 -3.73 15.52 2.61
N PRO B 7 -4.33 15.52 1.40
CA PRO B 7 -5.76 15.25 1.24
C PRO B 7 -6.14 13.89 1.86
N GLN B 8 -7.13 13.88 2.74
CA GLN B 8 -7.68 12.63 3.33
C GLN B 8 -8.84 12.19 2.44
N TRP B 9 -8.52 11.28 1.53
CA TRP B 9 -9.43 10.65 0.56
C TRP B 9 -8.89 9.24 0.32
N PRO B 10 -9.74 8.27 -0.08
CA PRO B 10 -9.30 6.89 -0.27
C PRO B 10 -8.63 6.74 -1.65
N GLN B 11 -7.59 7.54 -1.91
CA GLN B 11 -6.92 7.58 -3.23
C GLN B 11 -6.06 6.33 -3.33
N PRO B 12 -5.91 5.77 -4.55
CA PRO B 12 -5.15 4.54 -4.74
C PRO B 12 -3.65 4.75 -4.46
N LYS B 13 -2.94 3.64 -4.25
CA LYS B 13 -1.50 3.60 -3.87
C LYS B 13 -0.61 4.26 -4.94
N GLY B 14 -1.04 4.32 -6.21
CA GLY B 14 -0.23 4.90 -7.30
C GLY B 14 -0.40 6.42 -7.47
N VAL B 15 -1.05 7.09 -6.51
CA VAL B 15 -1.29 8.56 -6.50
C VAL B 15 -0.75 9.14 -5.19
N ALA B 16 -0.03 10.27 -5.29
CA ALA B 16 0.34 11.15 -4.17
C ALA B 16 -0.13 12.58 -4.45
N ALA B 17 -0.47 13.31 -3.38
CA ALA B 17 -1.07 14.66 -3.43
C ALA B 17 -0.64 15.42 -2.19
N CYS B 18 -0.48 16.75 -2.29
CA CYS B 18 -0.23 17.62 -1.12
C CYS B 18 -0.68 19.04 -1.47
N SER B 19 -0.93 19.83 -0.44
CA SER B 19 -1.45 21.21 -0.59
C SER B 19 -0.74 22.08 0.45
N SER B 20 -0.12 23.16 0.01
CA SER B 20 0.78 23.95 0.87
C SER B 20 -0.03 24.89 1.77
N THR B 21 0.53 25.21 2.94
CA THR B 21 0.10 26.33 3.82
C THR B 21 1.08 27.50 3.63
N ARG B 22 0.82 28.63 4.27
CA ARG B 22 1.73 29.82 4.22
C ARG B 22 2.96 29.63 5.14
N ILE B 23 3.05 28.51 5.87
CA ILE B 23 4.03 28.22 6.98
C ILE B 23 5.30 27.63 6.39
N GLY B 24 6.46 27.87 7.04
CA GLY B 24 7.74 27.16 6.84
C GLY B 24 8.59 27.65 5.68
N GLY B 25 8.41 28.90 5.24
CA GLY B 25 9.22 29.49 4.15
C GLY B 25 10.14 30.57 4.66
N VAL B 26 10.63 31.40 3.76
CA VAL B 26 11.68 32.44 3.99
C VAL B 26 11.17 33.82 3.54
N SER B 27 9.96 33.92 2.98
CA SER B 27 9.46 35.21 2.42
C SER B 27 9.03 36.08 3.58
N LEU B 28 9.19 37.40 3.44
CA LEU B 28 8.76 38.40 4.45
C LEU B 28 7.31 38.78 4.16
N PRO B 29 6.64 39.38 5.18
CA PRO B 29 5.34 40.03 4.97
C PRO B 29 5.41 41.05 3.85
N PRO B 30 4.41 41.17 2.93
CA PRO B 30 3.11 40.47 3.04
C PRO B 30 3.03 39.11 2.33
N TYR B 31 4.18 38.50 2.05
CA TYR B 31 4.31 37.18 1.40
C TYR B 31 4.65 36.10 2.43
N ASP B 32 4.53 36.39 3.73
CA ASP B 32 5.08 35.55 4.82
C ASP B 32 4.30 34.25 4.92
N SER B 33 4.95 33.09 4.72
CA SER B 33 6.36 32.92 4.44
C SER B 33 6.62 31.92 3.30
N LEU B 34 5.79 30.89 3.12
CA LEU B 34 5.99 29.90 2.03
C LEU B 34 5.30 30.35 0.72
N ASN B 35 5.61 31.55 0.24
CA ASN B 35 5.06 32.07 -1.03
C ASN B 35 5.63 31.29 -2.22
N LEU B 36 4.78 30.59 -2.95
CA LEU B 36 5.21 29.77 -4.11
C LEU B 36 4.93 30.53 -5.42
N GLY B 37 4.31 31.71 -5.35
CA GLY B 37 3.99 32.55 -6.52
C GLY B 37 5.15 33.45 -6.92
N ALA B 38 5.57 33.39 -8.19
CA ALA B 38 6.70 34.15 -8.75
C ALA B 38 6.27 35.47 -9.38
N HIS B 39 4.98 35.79 -9.44
CA HIS B 39 4.47 36.94 -10.22
C HIS B 39 3.60 37.84 -9.34
N CYS B 40 3.90 37.95 -8.04
CA CYS B 40 3.14 38.84 -7.13
C CYS B 40 4.05 39.86 -6.44
N GLY B 41 5.28 40.01 -6.89
CA GLY B 41 6.19 41.11 -6.49
C GLY B 41 7.10 40.74 -5.33
N ASP B 42 7.20 39.45 -5.02
CA ASP B 42 8.04 38.92 -3.91
C ASP B 42 9.51 38.91 -4.38
N ASN B 43 10.42 38.88 -3.41
CA ASN B 43 11.85 38.53 -3.61
C ASN B 43 11.94 37.21 -4.38
N PRO B 44 12.48 37.20 -5.62
CA PRO B 44 12.49 35.99 -6.45
C PRO B 44 13.39 34.91 -5.85
N ASP B 45 14.44 35.31 -5.11
CA ASP B 45 15.34 34.36 -4.41
C ASP B 45 14.54 33.63 -3.32
N HIS B 46 13.62 34.34 -2.63
CA HIS B 46 12.77 33.72 -1.57
C HIS B 46 11.82 32.72 -2.23
N VAL B 47 11.19 33.10 -3.35
CA VAL B 47 10.21 32.22 -4.04
C VAL B 47 10.92 30.91 -4.42
N GLU B 48 12.12 31.01 -4.99
CA GLU B 48 12.95 29.84 -5.37
C GLU B 48 13.19 28.95 -4.13
N GLU B 49 13.59 29.55 -3.00
CA GLU B 49 13.84 28.79 -1.76
C GLU B 49 12.52 28.14 -1.30
N ASN B 50 11.40 28.86 -1.36
CA ASN B 50 10.09 28.31 -0.91
C ASN B 50 9.71 27.10 -1.74
N ARG B 51 9.97 27.17 -3.05
CA ARG B 51 9.65 26.09 -4.01
C ARG B 51 10.51 24.86 -3.69
N LYS B 52 11.80 25.06 -3.41
CA LYS B 52 12.75 23.97 -3.05
C LYS B 52 12.30 23.33 -1.71
N ARG B 53 11.78 24.12 -0.78
CA ARG B 53 11.34 23.57 0.54
C ARG B 53 10.06 22.77 0.31
N LEU B 54 9.17 23.23 -0.58
CA LEU B 54 7.96 22.45 -0.99
C LEU B 54 8.35 21.11 -1.62
N PHE B 55 9.29 21.13 -2.59
CA PHE B 55 9.80 19.92 -3.31
C PHE B 55 10.20 18.86 -2.29
N ALA B 56 11.00 19.25 -1.29
CA ALA B 56 11.62 18.33 -0.30
C ALA B 56 10.52 17.79 0.61
N ALA B 57 9.65 18.67 1.11
CA ALA B 57 8.59 18.37 2.10
C ALA B 57 7.58 17.40 1.50
N GLY B 58 7.20 17.63 0.23
CA GLY B 58 6.17 16.83 -0.46
C GLY B 58 6.74 15.57 -1.09
N ASN B 59 8.06 15.41 -1.10
CA ASN B 59 8.71 14.22 -1.71
C ASN B 59 8.35 14.18 -3.19
N LEU B 60 8.30 15.33 -3.84
CA LEU B 60 7.93 15.41 -5.29
C LEU B 60 8.98 14.65 -6.11
N PRO B 61 8.55 13.80 -7.07
CA PRO B 61 9.50 13.04 -7.89
C PRO B 61 10.19 13.93 -8.93
N SER B 62 9.53 15.01 -9.34
CA SER B 62 10.06 16.00 -10.32
C SER B 62 9.48 17.39 -10.01
N LYS B 63 10.04 18.42 -10.63
CA LYS B 63 9.67 19.83 -10.34
C LYS B 63 8.25 20.05 -10.86
N PRO B 64 7.42 20.84 -10.16
CA PRO B 64 6.07 21.10 -10.64
C PRO B 64 6.01 21.74 -12.04
N VAL B 65 5.01 21.37 -12.83
CA VAL B 65 4.75 22.02 -14.14
C VAL B 65 3.86 23.21 -13.86
N TRP B 66 4.47 24.33 -13.43
CA TRP B 66 3.76 25.59 -13.11
C TRP B 66 3.12 26.12 -14.40
N LEU B 67 1.85 26.51 -14.33
CA LEU B 67 1.06 27.00 -15.48
C LEU B 67 1.10 28.53 -15.51
N GLU B 68 0.94 29.09 -16.71
CA GLU B 68 0.62 30.54 -16.91
C GLU B 68 -0.90 30.65 -16.74
N GLN B 69 -1.36 30.79 -15.47
CA GLN B 69 -2.78 30.74 -15.10
C GLN B 69 -3.42 32.07 -15.53
N VAL B 70 -4.59 32.03 -16.14
CA VAL B 70 -5.26 33.27 -16.64
C VAL B 70 -6.72 33.32 -16.18
N HIS B 71 -7.12 32.47 -15.23
CA HIS B 71 -8.53 32.34 -14.74
C HIS B 71 -9.43 31.96 -15.92
N GLY B 72 -8.93 31.09 -16.79
CA GLY B 72 -9.63 30.55 -17.96
C GLY B 72 -10.04 29.11 -17.69
N LYS B 73 -10.34 28.35 -18.74
CA LYS B 73 -10.93 26.98 -18.63
C LYS B 73 -10.11 26.01 -19.47
N ASP B 74 -8.90 26.39 -19.88
CA ASP B 74 -8.02 25.55 -20.73
C ASP B 74 -7.23 24.60 -19.83
N VAL B 75 -7.10 23.36 -20.28
CA VAL B 75 -6.34 22.29 -19.57
C VAL B 75 -5.06 22.02 -20.36
N LEU B 76 -3.91 21.99 -19.70
CA LEU B 76 -2.67 21.50 -20.35
C LEU B 76 -2.54 19.98 -20.10
N LYS B 77 -2.49 19.17 -21.16
CA LYS B 77 -2.18 17.71 -21.07
C LYS B 77 -0.66 17.52 -21.09
N LEU B 78 -0.08 16.99 -19.99
CA LEU B 78 1.39 16.99 -19.75
C LEU B 78 2.05 15.80 -20.44
N THR B 79 2.22 15.92 -21.76
CA THR B 79 2.87 14.95 -22.69
C THR B 79 4.41 15.01 -22.62
N GLY B 80 4.99 16.03 -21.95
CA GLY B 80 6.45 16.25 -21.85
C GLY B 80 6.87 17.56 -22.49
N GLU B 81 7.95 18.16 -21.96
CA GLU B 81 8.35 19.59 -22.21
C GLU B 81 9.40 19.67 -23.31
N PRO B 82 9.38 20.71 -24.21
CA PRO B 82 8.31 21.71 -24.24
C PRO B 82 7.13 21.46 -25.21
N TYR B 83 6.15 22.38 -25.19
CA TYR B 83 4.91 22.43 -26.01
C TYR B 83 4.59 23.91 -26.30
N ALA B 84 3.56 24.16 -27.11
CA ALA B 84 3.18 25.51 -27.58
C ALA B 84 3.28 26.53 -26.43
N SER B 85 2.50 26.32 -25.38
CA SER B 85 2.23 27.32 -24.32
C SER B 85 1.87 26.63 -23.00
N LYS B 86 2.12 27.29 -21.88
CA LYS B 86 1.67 26.86 -20.53
C LYS B 86 0.43 27.68 -20.11
N ARG B 87 -0.18 28.40 -21.05
CA ARG B 87 -1.36 29.25 -20.79
C ARG B 87 -2.54 28.32 -20.58
N ALA B 88 -2.82 27.99 -19.31
CA ALA B 88 -3.89 27.05 -18.90
C ALA B 88 -4.21 27.26 -17.41
N ASP B 89 -5.38 26.81 -16.96
CA ASP B 89 -5.72 26.89 -15.52
C ASP B 89 -5.96 25.50 -14.97
N ALA B 90 -5.43 24.49 -15.65
CA ALA B 90 -5.46 23.11 -15.13
C ALA B 90 -4.49 22.27 -15.93
N SER B 91 -4.06 21.16 -15.36
CA SER B 91 -3.21 20.17 -16.05
C SER B 91 -3.72 18.76 -15.78
N TYR B 92 -3.53 17.90 -16.78
CA TYR B 92 -3.87 16.46 -16.77
C TYR B 92 -2.57 15.65 -16.95
N SER B 93 -2.42 14.54 -16.24
CA SER B 93 -1.23 13.68 -16.35
C SER B 93 -1.64 12.20 -16.35
N ASN B 94 -1.13 11.40 -17.29
CA ASN B 94 -1.17 9.92 -17.18
C ASN B 94 0.28 9.39 -17.18
N THR B 95 1.25 10.27 -16.95
CA THR B 95 2.70 9.91 -16.91
C THR B 95 3.20 9.83 -15.48
N PRO B 96 3.64 8.64 -15.00
CA PRO B 96 4.39 8.51 -13.75
C PRO B 96 5.45 9.59 -13.54
N GLY B 97 5.47 10.21 -12.35
CA GLY B 97 6.50 11.17 -11.91
C GLY B 97 6.26 12.59 -12.40
N THR B 98 5.19 12.84 -13.15
CA THR B 98 4.86 14.21 -13.62
C THR B 98 3.92 14.88 -12.60
N VAL B 99 4.24 16.12 -12.24
CA VAL B 99 3.59 16.81 -11.10
C VAL B 99 2.69 17.93 -11.62
N CYS B 100 1.39 17.71 -11.57
CA CYS B 100 0.34 18.72 -11.80
C CYS B 100 0.36 19.68 -10.61
N ALA B 101 0.32 20.99 -10.87
CA ALA B 101 0.39 22.03 -9.83
C ALA B 101 -0.55 23.19 -10.21
N VAL B 102 -1.29 23.72 -9.23
CA VAL B 102 -2.07 24.98 -9.40
C VAL B 102 -1.81 25.90 -8.21
N MET B 103 -1.70 27.21 -8.49
CA MET B 103 -1.34 28.23 -7.47
C MET B 103 -2.60 29.04 -7.16
N THR B 104 -2.86 29.27 -5.86
CA THR B 104 -4.10 29.86 -5.33
C THR B 104 -3.85 30.65 -4.04
N ALA B 105 -4.68 31.65 -3.82
CA ALA B 105 -4.86 32.35 -2.54
C ALA B 105 -6.32 32.80 -2.44
N ASP B 106 -7.26 31.85 -2.46
CA ASP B 106 -8.74 32.02 -2.36
C ASP B 106 -9.45 31.18 -3.41
N ALA B 107 -8.90 31.14 -4.64
CA ALA B 107 -9.46 30.34 -5.74
C ALA B 107 -9.49 28.88 -5.30
N LEU B 108 -10.51 28.15 -5.67
CA LEU B 108 -10.59 26.71 -5.29
C LEU B 108 -9.60 25.87 -6.08
N PRO B 109 -8.65 25.18 -5.40
CA PRO B 109 -7.87 24.13 -6.03
C PRO B 109 -8.75 22.86 -6.01
N VAL B 110 -8.71 22.09 -7.09
CA VAL B 110 -9.33 20.74 -7.13
C VAL B 110 -8.32 19.77 -7.72
N LEU B 111 -8.05 18.72 -6.97
CA LEU B 111 -7.18 17.60 -7.37
C LEU B 111 -8.09 16.44 -7.73
N PHE B 112 -7.70 15.70 -8.77
CA PHE B 112 -8.49 14.61 -9.36
C PHE B 112 -7.58 13.39 -9.51
N CYS B 113 -8.13 12.21 -9.29
CA CYS B 113 -7.49 10.95 -9.72
C CYS B 113 -8.60 9.93 -9.98
N ASN B 114 -8.29 8.91 -10.76
CA ASN B 114 -9.23 7.80 -11.02
C ASN B 114 -8.92 6.74 -9.96
N ARG B 115 -9.92 5.93 -9.61
CA ARG B 115 -9.82 4.86 -8.59
C ARG B 115 -8.68 3.90 -8.96
N ALA B 116 -8.42 3.69 -10.26
CA ALA B 116 -7.37 2.78 -10.77
C ALA B 116 -5.98 3.43 -10.60
N GLY B 117 -5.93 4.72 -10.35
CA GLY B 117 -4.65 5.41 -10.07
C GLY B 117 -3.71 5.37 -11.26
N THR B 118 -4.23 5.71 -12.44
CA THR B 118 -3.47 5.82 -13.71
C THR B 118 -3.68 7.19 -14.37
N GLU B 119 -4.53 8.04 -13.82
CA GLU B 119 -4.77 9.42 -14.34
C GLU B 119 -4.92 10.38 -13.15
N VAL B 120 -4.27 11.55 -13.21
CA VAL B 120 -4.42 12.65 -12.20
C VAL B 120 -4.61 13.98 -12.93
N ALA B 121 -5.19 14.96 -12.24
CA ALA B 121 -5.33 16.35 -12.73
C ALA B 121 -5.42 17.32 -11.55
N ALA B 122 -5.09 18.58 -11.83
CA ALA B 122 -5.15 19.70 -10.86
C ALA B 122 -5.81 20.85 -11.59
N ALA B 123 -6.87 21.43 -11.01
CA ALA B 123 -7.63 22.56 -11.60
C ALA B 123 -7.59 23.79 -10.70
N HIS B 124 -7.41 24.96 -11.32
CA HIS B 124 -7.47 26.30 -10.69
C HIS B 124 -8.85 26.89 -10.96
N ALA B 125 -9.73 26.82 -9.96
CA ALA B 125 -11.15 27.21 -10.06
C ALA B 125 -11.40 28.43 -9.19
N GLY B 126 -10.81 29.55 -9.61
CA GLY B 126 -11.28 30.90 -9.29
C GLY B 126 -12.73 31.02 -9.78
N TRP B 127 -13.47 32.02 -9.30
CA TRP B 127 -14.92 32.09 -9.63
C TRP B 127 -15.09 32.22 -11.15
N ARG B 128 -14.21 32.95 -11.85
CA ARG B 128 -14.30 33.12 -13.33
C ARG B 128 -14.13 31.77 -14.07
N GLY B 129 -13.08 31.00 -13.78
CA GLY B 129 -12.80 29.70 -14.42
C GLY B 129 -13.82 28.65 -14.06
N LEU B 130 -14.22 28.63 -12.78
CA LEU B 130 -15.29 27.73 -12.26
C LEU B 130 -16.56 28.01 -13.05
N CYS B 131 -16.95 29.28 -13.17
CA CYS B 131 -18.17 29.69 -13.91
C CYS B 131 -18.04 29.26 -15.40
N ALA B 132 -16.87 29.39 -15.98
CA ALA B 132 -16.57 29.12 -17.43
C ALA B 132 -16.46 27.61 -17.69
N GLY B 133 -16.34 26.79 -16.63
CA GLY B 133 -16.36 25.32 -16.72
C GLY B 133 -14.97 24.67 -16.73
N VAL B 134 -14.00 25.22 -16.00
CA VAL B 134 -12.65 24.60 -15.86
C VAL B 134 -12.78 23.17 -15.29
N LEU B 135 -13.74 22.90 -14.39
CA LEU B 135 -13.88 21.57 -13.76
C LEU B 135 -14.39 20.56 -14.81
N GLU B 136 -15.42 20.90 -15.56
CA GLU B 136 -15.96 20.04 -16.66
C GLU B 136 -14.82 19.76 -17.65
N GLU B 137 -14.08 20.79 -18.04
CA GLU B 137 -12.99 20.67 -19.03
C GLU B 137 -11.94 19.70 -18.48
N THR B 138 -11.62 19.79 -17.18
CA THR B 138 -10.63 18.91 -16.53
C THR B 138 -11.15 17.46 -16.52
N VAL B 139 -12.41 17.29 -16.18
CA VAL B 139 -13.03 15.93 -16.09
C VAL B 139 -13.06 15.31 -17.50
N SER B 140 -13.39 16.13 -18.51
CA SER B 140 -13.31 15.84 -19.97
C SER B 140 -12.07 15.02 -20.31
N CYS B 141 -10.92 15.44 -19.78
CA CYS B 141 -9.59 14.93 -20.20
C CYS B 141 -9.34 13.48 -19.79
N PHE B 142 -10.18 12.89 -18.97
CA PHE B 142 -9.91 11.55 -18.37
C PHE B 142 -10.37 10.49 -19.37
N ALA B 143 -9.58 9.42 -19.50
CA ALA B 143 -10.00 8.17 -20.18
C ALA B 143 -11.16 7.58 -19.40
N ASP B 144 -11.05 7.57 -18.07
CA ASP B 144 -11.92 6.78 -17.17
C ASP B 144 -13.31 7.40 -17.13
N ASN B 145 -14.31 6.63 -16.73
CA ASN B 145 -15.73 7.07 -16.59
C ASN B 145 -15.82 8.05 -15.42
N PRO B 146 -16.62 9.13 -15.54
CA PRO B 146 -16.79 10.11 -14.46
C PRO B 146 -16.95 9.51 -13.07
N GLU B 147 -17.69 8.39 -12.99
CA GLU B 147 -18.06 7.65 -11.75
C GLU B 147 -16.78 7.17 -11.04
N ASN B 148 -15.69 6.94 -11.77
CA ASN B 148 -14.42 6.39 -11.20
C ASN B 148 -13.42 7.50 -10.88
N ILE B 149 -13.83 8.77 -11.00
CA ILE B 149 -12.95 9.93 -10.70
C ILE B 149 -13.19 10.36 -9.24
N LEU B 150 -12.15 10.46 -8.42
CA LEU B 150 -12.23 11.11 -7.09
C LEU B 150 -11.81 12.56 -7.28
N ALA B 151 -12.47 13.48 -6.56
CA ALA B 151 -12.17 14.92 -6.55
C ALA B 151 -11.82 15.33 -5.12
N TRP B 152 -10.85 16.22 -4.95
CA TRP B 152 -10.58 16.83 -3.62
C TRP B 152 -10.64 18.35 -3.75
N LEU B 153 -11.55 18.96 -3.01
CA LEU B 153 -11.76 20.42 -2.88
C LEU B 153 -10.75 20.94 -1.88
N GLY B 154 -9.75 21.66 -2.39
CA GLY B 154 -8.67 22.22 -1.57
C GLY B 154 -9.12 23.50 -0.88
N PRO B 155 -8.23 24.09 -0.03
CA PRO B 155 -8.60 25.29 0.73
C PRO B 155 -8.82 26.46 -0.25
N ALA B 156 -10.00 27.07 -0.14
CA ALA B 156 -10.47 28.18 -0.99
C ALA B 156 -11.11 29.21 -0.05
N ILE B 157 -11.60 30.34 -0.57
CA ILE B 157 -12.36 31.29 0.27
C ILE B 157 -13.78 30.72 0.50
N GLY B 158 -14.21 30.69 1.77
CA GLY B 158 -15.38 29.97 2.26
C GLY B 158 -16.67 30.77 2.18
N PRO B 159 -17.80 30.08 2.37
CA PRO B 159 -19.13 30.69 2.21
C PRO B 159 -19.48 31.76 3.26
N ARG B 160 -18.70 31.85 4.33
CA ARG B 160 -18.88 32.92 5.35
C ARG B 160 -18.08 34.18 4.96
N ALA B 161 -17.14 34.11 4.00
CA ALA B 161 -16.26 35.25 3.64
C ALA B 161 -16.43 35.70 2.17
N PHE B 162 -16.90 34.81 1.28
CA PHE B 162 -16.85 35.02 -0.19
C PHE B 162 -18.02 35.92 -0.61
N GLU B 163 -17.90 37.19 -0.30
CA GLU B 163 -18.94 38.20 -0.67
C GLU B 163 -18.76 38.54 -2.16
N VAL B 164 -19.82 38.41 -2.95
CA VAL B 164 -19.77 38.71 -4.42
C VAL B 164 -20.93 39.64 -4.75
N GLY B 165 -20.83 40.38 -5.85
CA GLY B 165 -21.94 41.21 -6.35
C GLY B 165 -22.98 40.35 -7.04
N GLY B 166 -24.15 40.92 -7.32
CA GLY B 166 -25.20 40.16 -8.01
C GLY B 166 -24.80 39.80 -9.44
N GLU B 167 -23.83 40.50 -10.03
CA GLU B 167 -23.43 40.23 -11.44
C GLU B 167 -22.65 38.90 -11.48
N VAL B 168 -22.05 38.49 -10.35
CA VAL B 168 -21.37 37.16 -10.27
C VAL B 168 -22.42 36.04 -10.17
N ARG B 169 -23.30 36.11 -9.17
CA ARG B 169 -24.50 35.23 -9.01
C ARG B 169 -25.19 35.04 -10.37
N GLU B 170 -25.43 36.14 -11.09
CA GLU B 170 -26.13 36.20 -12.41
C GLU B 170 -25.33 35.43 -13.46
N ALA B 171 -24.02 35.62 -13.50
CA ALA B 171 -23.09 34.91 -14.41
C ALA B 171 -23.17 33.40 -14.19
N PHE B 172 -23.14 32.95 -12.92
CA PHE B 172 -23.24 31.52 -12.57
C PHE B 172 -24.63 31.01 -12.99
N MET B 173 -25.68 31.79 -12.75
CA MET B 173 -27.05 31.33 -13.08
C MET B 173 -27.25 31.30 -14.60
N ALA B 174 -26.55 32.15 -15.36
CA ALA B 174 -26.67 32.18 -16.84
C ALA B 174 -26.22 30.83 -17.41
N VAL B 175 -25.23 30.19 -16.77
CA VAL B 175 -24.68 28.87 -17.19
C VAL B 175 -25.60 27.76 -16.71
N ASP B 176 -26.01 27.80 -15.45
CA ASP B 176 -26.69 26.70 -14.74
C ASP B 176 -27.55 27.35 -13.65
N ALA B 177 -28.85 27.55 -13.87
CA ALA B 177 -29.72 28.38 -13.00
C ALA B 177 -29.78 27.82 -11.57
N LYS B 178 -29.61 26.51 -11.37
CA LYS B 178 -29.68 25.89 -10.02
C LYS B 178 -28.54 26.42 -9.15
N ALA B 179 -27.53 27.06 -9.74
CA ALA B 179 -26.44 27.75 -9.00
C ALA B 179 -27.01 28.73 -7.96
N SER B 180 -28.23 29.25 -8.12
CA SER B 180 -28.90 30.18 -7.18
C SER B 180 -28.84 29.63 -5.76
N ALA B 181 -28.83 28.30 -5.59
CA ALA B 181 -28.75 27.60 -4.29
C ALA B 181 -27.48 28.02 -3.54
N ALA B 182 -26.44 28.43 -4.25
CA ALA B 182 -25.11 28.60 -3.65
C ALA B 182 -24.87 30.05 -3.23
N PHE B 183 -25.87 30.94 -3.39
CA PHE B 183 -25.74 32.40 -3.12
C PHE B 183 -26.78 32.83 -2.10
N ILE B 184 -26.34 33.20 -0.90
CA ILE B 184 -27.22 33.71 0.18
C ILE B 184 -27.21 35.24 0.12
N GLN B 185 -28.37 35.88 0.09
CA GLN B 185 -28.46 37.36 0.02
C GLN B 185 -27.74 37.95 1.24
N HIS B 186 -27.02 39.06 1.04
CA HIS B 186 -26.13 39.75 2.02
C HIS B 186 -26.20 41.25 1.72
N GLY B 187 -27.17 41.94 2.31
CA GLY B 187 -27.60 43.30 1.92
C GLY B 187 -27.90 43.34 0.43
N ASP B 188 -27.13 44.15 -0.30
CA ASP B 188 -27.19 44.28 -1.77
C ASP B 188 -26.27 43.24 -2.44
N LYS B 189 -25.57 42.44 -1.63
CA LYS B 189 -24.52 41.50 -2.10
C LYS B 189 -25.00 40.08 -1.80
N TYR B 190 -24.13 39.11 -1.99
CA TYR B 190 -24.38 37.65 -1.81
C TYR B 190 -23.15 37.10 -1.14
N LEU B 191 -23.30 36.08 -0.31
CA LEU B 191 -22.18 35.21 0.08
C LEU B 191 -22.29 33.97 -0.80
N ALA B 192 -21.21 33.62 -1.49
CA ALA B 192 -21.22 32.53 -2.48
C ALA B 192 -20.46 31.34 -1.89
N ASP B 193 -21.04 30.14 -2.03
CA ASP B 193 -20.35 28.90 -1.61
C ASP B 193 -19.66 28.30 -2.84
N ILE B 194 -18.36 28.56 -3.00
CA ILE B 194 -17.55 28.07 -4.14
C ILE B 194 -17.51 26.53 -4.11
N TYR B 195 -17.59 25.93 -2.92
CA TYR B 195 -17.54 24.46 -2.76
C TYR B 195 -18.84 23.82 -3.26
N GLN B 196 -19.98 24.43 -2.96
CA GLN B 196 -21.28 23.98 -3.48
C GLN B 196 -21.29 24.18 -5.01
N LEU B 197 -20.76 25.29 -5.51
CA LEU B 197 -20.72 25.56 -6.96
C LEU B 197 -19.88 24.48 -7.67
N ALA B 198 -18.76 24.12 -7.05
CA ALA B 198 -17.86 23.08 -7.60
C ALA B 198 -18.59 21.73 -7.60
N ARG B 199 -19.25 21.38 -6.50
CA ARG B 199 -20.02 20.12 -6.35
C ARG B 199 -21.10 20.04 -7.43
N GLN B 200 -21.73 21.15 -7.80
CA GLN B 200 -22.81 21.17 -8.83
C GLN B 200 -22.21 20.86 -10.20
N ARG B 201 -21.04 21.44 -10.52
CA ARG B 201 -20.42 21.30 -11.86
C ARG B 201 -19.91 19.86 -12.01
N LEU B 202 -19.31 19.34 -10.93
CA LEU B 202 -18.76 17.95 -10.89
C LEU B 202 -19.89 16.93 -11.02
N ALA B 203 -20.99 17.14 -10.29
CA ALA B 203 -22.26 16.36 -10.35
C ALA B 203 -22.86 16.43 -11.76
N ASN B 204 -22.83 17.61 -12.39
CA ASN B 204 -23.33 17.83 -13.77
C ASN B 204 -22.67 16.82 -14.73
N VAL B 205 -21.39 16.49 -14.52
CA VAL B 205 -20.56 15.67 -15.45
C VAL B 205 -20.35 14.26 -14.88
N GLY B 206 -21.05 13.93 -13.77
CA GLY B 206 -21.20 12.57 -13.22
C GLY B 206 -20.04 12.17 -12.33
N VAL B 207 -19.30 13.12 -11.78
CA VAL B 207 -18.31 12.81 -10.71
C VAL B 207 -19.13 12.70 -9.43
N GLU B 208 -18.93 11.64 -8.64
CA GLU B 208 -19.78 11.34 -7.46
C GLU B 208 -18.99 11.35 -6.15
N GLN B 209 -17.65 11.31 -6.21
CA GLN B 209 -16.81 11.12 -5.01
C GLN B 209 -15.97 12.39 -4.79
N ILE B 210 -16.47 13.29 -3.94
CA ILE B 210 -15.89 14.64 -3.76
C ILE B 210 -15.58 14.83 -2.27
N PHE B 211 -14.29 14.93 -1.96
CA PHE B 211 -13.75 15.07 -0.60
C PHE B 211 -13.34 16.52 -0.40
N GLY B 212 -13.16 16.90 0.87
CA GLY B 212 -12.61 18.21 1.27
C GLY B 212 -13.68 19.28 1.25
N GLY B 213 -13.25 20.53 1.04
CA GLY B 213 -14.12 21.71 1.01
C GLY B 213 -14.56 22.15 2.38
N ASP B 214 -13.71 22.07 3.42
CA ASP B 214 -14.06 22.49 4.81
C ASP B 214 -13.17 23.63 5.33
N ARG B 215 -12.32 24.25 4.49
CA ARG B 215 -11.38 25.32 4.91
C ARG B 215 -11.84 26.66 4.38
N CYS B 216 -11.32 27.73 4.97
CA CYS B 216 -11.54 29.13 4.51
C CYS B 216 -10.21 29.88 4.52
N THR B 217 -9.69 30.18 3.34
CA THR B 217 -8.40 30.87 3.15
C THR B 217 -8.48 32.28 3.73
N TYR B 218 -9.66 32.91 3.68
CA TYR B 218 -9.84 34.27 4.25
C TYR B 218 -9.79 34.21 5.79
N THR B 219 -10.57 33.32 6.40
CA THR B 219 -10.77 33.34 7.87
C THR B 219 -9.51 32.81 8.54
N GLU B 220 -8.91 31.76 7.97
CA GLU B 220 -7.80 30.99 8.60
C GLU B 220 -6.48 31.66 8.21
N ASN B 221 -6.30 32.89 8.67
CA ASN B 221 -5.13 33.76 8.35
C ASN B 221 -3.83 33.13 8.88
N GLU B 222 -3.88 32.24 9.88
CA GLU B 222 -2.66 31.62 10.45
C GLU B 222 -2.08 30.62 9.45
N THR B 223 -2.94 30.11 8.57
CA THR B 223 -2.62 28.93 7.72
C THR B 223 -2.54 29.31 6.25
N PHE B 224 -3.29 30.31 5.78
CA PHE B 224 -3.48 30.58 4.34
C PHE B 224 -3.26 32.04 3.96
N PHE B 225 -2.67 32.24 2.77
CA PHE B 225 -2.71 33.54 2.03
C PHE B 225 -4.14 33.72 1.53
N SER B 226 -4.62 34.95 1.51
CA SER B 226 -5.93 35.33 0.94
C SER B 226 -5.79 36.66 0.18
N TYR B 227 -6.05 36.60 -1.13
CA TYR B 227 -6.05 37.77 -2.03
C TYR B 227 -7.14 38.72 -1.53
N ARG B 228 -8.30 38.17 -1.19
CA ARG B 228 -9.46 38.94 -0.62
C ARG B 228 -9.03 39.69 0.63
N ARG B 229 -8.30 39.04 1.55
CA ARG B 229 -7.82 39.67 2.81
C ARG B 229 -6.72 40.71 2.49
N ASP B 230 -5.67 40.36 1.73
CA ASP B 230 -4.39 41.13 1.77
C ASP B 230 -3.98 41.74 0.42
N LYS B 231 -4.64 41.37 -0.69
CA LYS B 231 -4.50 41.99 -2.04
C LYS B 231 -3.11 41.70 -2.62
N THR B 232 -2.07 42.29 -2.06
CA THR B 232 -0.64 41.95 -2.35
C THR B 232 -0.22 40.87 -1.36
N THR B 233 -0.04 39.63 -1.83
CA THR B 233 0.30 38.52 -0.91
C THR B 233 0.85 37.33 -1.68
N GLY B 234 1.16 36.29 -0.94
CA GLY B 234 1.74 35.04 -1.48
C GLY B 234 0.69 34.14 -2.09
N ARG B 235 1.14 32.98 -2.55
CA ARG B 235 0.29 31.93 -3.16
C ARG B 235 0.66 30.60 -2.49
N MET B 236 -0.35 29.84 -2.08
CA MET B 236 -0.29 28.37 -1.84
C MET B 236 -0.32 27.67 -3.20
N ALA B 237 -0.09 26.38 -3.20
CA ALA B 237 -0.26 25.56 -4.41
C ALA B 237 -0.71 24.17 -3.99
N SER B 238 -1.42 23.49 -4.88
CA SER B 238 -1.88 22.10 -4.70
C SER B 238 -1.26 21.26 -5.80
N PHE B 239 -0.82 20.04 -5.45
CA PHE B 239 0.03 19.16 -6.29
C PHE B 239 -0.54 17.74 -6.29
N ILE B 240 -0.59 17.11 -7.47
CA ILE B 240 -0.96 15.66 -7.59
C ILE B 240 -0.06 15.01 -8.64
N TRP B 241 0.35 13.77 -8.40
CA TRP B 241 1.21 13.05 -9.35
C TRP B 241 1.01 11.55 -9.17
N LEU B 242 1.24 10.82 -10.26
CA LEU B 242 1.35 9.35 -10.24
C LEU B 242 2.74 8.98 -9.71
N ILE B 243 2.86 7.91 -8.93
CA ILE B 243 4.17 7.47 -8.38
C ILE B 243 4.85 6.53 -9.39
N SER C 2 5.37 0.30 5.58
CA SER C 2 6.55 1.14 5.99
C SER C 2 7.75 0.25 6.34
N LYS C 3 7.54 -0.78 7.16
CA LYS C 3 8.63 -1.70 7.60
C LYS C 3 8.23 -3.18 7.55
N LEU C 4 6.94 -3.53 7.33
CA LEU C 4 6.45 -4.95 7.22
C LEU C 4 6.03 -5.28 5.77
N ILE C 5 6.40 -6.48 5.33
CA ILE C 5 5.98 -7.10 4.04
C ILE C 5 4.61 -7.72 4.24
N VAL C 6 3.62 -7.27 3.47
CA VAL C 6 2.28 -7.91 3.34
C VAL C 6 2.37 -8.98 2.26
N PRO C 7 2.16 -10.28 2.59
CA PRO C 7 2.16 -11.32 1.56
C PRO C 7 1.23 -11.00 0.38
N GLN C 8 1.74 -11.22 -0.84
CA GLN C 8 1.02 -11.07 -2.14
C GLN C 8 0.36 -12.42 -2.45
N TRP C 9 -0.76 -12.71 -1.80
CA TRP C 9 -1.61 -13.92 -1.97
C TRP C 9 -3.06 -13.50 -1.84
N PRO C 10 -4.01 -14.30 -2.37
CA PRO C 10 -5.43 -13.98 -2.24
C PRO C 10 -5.87 -14.32 -0.82
N GLN C 11 -5.55 -13.44 0.12
CA GLN C 11 -5.71 -13.64 1.58
C GLN C 11 -7.19 -13.70 1.94
N PRO C 12 -7.67 -14.76 2.62
CA PRO C 12 -9.03 -14.76 3.16
C PRO C 12 -9.28 -13.60 4.14
N LYS C 13 -10.51 -13.10 4.22
CA LYS C 13 -10.89 -11.96 5.08
C LYS C 13 -10.62 -12.30 6.56
N GLY C 14 -10.73 -13.57 6.94
CA GLY C 14 -10.57 -14.05 8.32
C GLY C 14 -9.12 -14.29 8.68
N VAL C 15 -8.20 -14.07 7.74
CA VAL C 15 -6.73 -14.25 7.94
C VAL C 15 -6.02 -12.89 7.94
N ALA C 16 -4.99 -12.77 8.78
CA ALA C 16 -4.05 -11.64 8.81
C ALA C 16 -2.64 -12.21 8.87
N ALA C 17 -1.72 -11.56 8.16
CA ALA C 17 -0.34 -12.07 7.99
C ALA C 17 0.62 -10.90 7.77
N CYS C 18 1.81 -10.99 8.34
CA CYS C 18 2.87 -10.00 8.10
C CYS C 18 4.25 -10.66 8.26
N SER C 19 5.25 -10.01 7.70
CA SER C 19 6.63 -10.53 7.69
C SER C 19 7.54 -9.31 7.81
N SER C 20 8.46 -9.35 8.77
CA SER C 20 9.26 -8.19 9.23
C SER C 20 10.49 -8.01 8.35
N THR C 21 11.00 -6.78 8.30
CA THR C 21 12.29 -6.43 7.69
C THR C 21 13.22 -5.97 8.82
N ARG C 22 14.48 -5.68 8.50
CA ARG C 22 15.45 -5.18 9.51
C ARG C 22 15.13 -3.71 9.83
N ILE C 23 14.22 -3.08 9.10
CA ILE C 23 14.00 -1.60 9.17
C ILE C 23 12.99 -1.26 10.28
N GLY C 24 13.26 -0.17 11.01
CA GLY C 24 12.28 0.44 11.93
C GLY C 24 12.50 0.10 13.41
N GLY C 25 13.63 -0.49 13.81
CA GLY C 25 13.88 -0.84 15.22
C GLY C 25 14.96 0.01 15.86
N VAL C 26 15.50 -0.44 16.99
CA VAL C 26 16.47 0.36 17.81
C VAL C 26 17.80 -0.39 18.00
N SER C 27 17.97 -1.60 17.46
CA SER C 27 19.21 -2.40 17.63
C SER C 27 20.34 -1.82 16.77
N LEU C 28 21.58 -1.96 17.24
CA LEU C 28 22.81 -1.48 16.55
C LEU C 28 23.42 -2.63 15.78
N PRO C 29 24.28 -2.36 14.76
CA PRO C 29 24.85 -3.42 13.93
C PRO C 29 25.58 -4.39 14.84
N PRO C 30 25.62 -5.71 14.52
CA PRO C 30 25.11 -6.22 13.24
C PRO C 30 23.59 -6.53 13.23
N TYR C 31 22.87 -6.16 14.30
CA TYR C 31 21.43 -6.41 14.53
C TYR C 31 20.55 -5.26 14.03
N ASP C 32 21.08 -4.36 13.21
CA ASP C 32 20.41 -3.10 12.82
C ASP C 32 19.32 -3.38 11.80
N SER C 33 18.06 -3.03 12.14
CA SER C 33 17.67 -2.43 13.41
C SER C 33 16.48 -3.14 14.07
N LEU C 34 15.53 -3.65 13.30
CA LEU C 34 14.36 -4.36 13.89
C LEU C 34 14.69 -5.85 14.09
N ASN C 35 15.58 -6.14 15.03
CA ASN C 35 15.93 -7.53 15.44
C ASN C 35 14.90 -8.09 16.43
N LEU C 36 14.18 -9.15 16.03
CA LEU C 36 13.12 -9.81 16.85
C LEU C 36 13.66 -11.07 17.55
N GLY C 37 14.89 -11.51 17.24
CA GLY C 37 15.54 -12.70 17.85
C GLY C 37 16.16 -12.42 19.23
N ALA C 38 15.75 -13.15 20.25
CA ALA C 38 16.20 -12.94 21.66
C ALA C 38 17.44 -13.77 22.00
N HIS C 39 18.02 -14.51 21.06
CA HIS C 39 19.09 -15.50 21.36
C HIS C 39 20.23 -15.44 20.34
N CYS C 40 20.43 -14.30 19.68
CA CYS C 40 21.60 -14.08 18.78
C CYS C 40 22.53 -13.06 19.44
N GLY C 41 22.36 -12.83 20.74
CA GLY C 41 23.29 -12.05 21.58
C GLY C 41 23.15 -10.55 21.39
N ASP C 42 21.99 -10.07 20.91
CA ASP C 42 21.65 -8.63 20.83
C ASP C 42 21.37 -8.15 22.26
N ASN C 43 21.26 -6.84 22.46
CA ASN C 43 20.76 -6.24 23.72
C ASN C 43 19.31 -6.69 23.90
N PRO C 44 18.98 -7.45 24.97
CA PRO C 44 17.60 -7.82 25.27
C PRO C 44 16.57 -6.68 25.30
N ASP C 45 16.94 -5.49 25.80
CA ASP C 45 16.00 -4.33 25.91
C ASP C 45 15.65 -3.84 24.49
N HIS C 46 16.64 -3.87 23.60
CA HIS C 46 16.47 -3.55 22.16
C HIS C 46 15.50 -4.56 21.52
N VAL C 47 15.77 -5.87 21.67
CA VAL C 47 14.90 -6.96 21.16
C VAL C 47 13.45 -6.67 21.61
N GLU C 48 13.27 -6.42 22.92
CA GLU C 48 11.96 -6.21 23.56
C GLU C 48 11.27 -4.99 22.98
N GLU C 49 11.99 -3.87 22.85
CA GLU C 49 11.48 -2.66 22.17
C GLU C 49 11.11 -3.00 20.72
N ASN C 50 11.96 -3.73 19.97
CA ASN C 50 11.68 -4.09 18.55
C ASN C 50 10.40 -4.95 18.49
N ARG C 51 10.30 -5.96 19.34
CA ARG C 51 9.09 -6.83 19.39
C ARG C 51 7.84 -5.96 19.64
N LYS C 52 7.87 -5.03 20.60
CA LYS C 52 6.70 -4.15 20.86
C LYS C 52 6.37 -3.36 19.59
N ARG C 53 7.38 -2.85 18.88
CA ARG C 53 7.16 -2.08 17.62
C ARG C 53 6.46 -2.97 16.59
N LEU C 54 6.90 -4.22 16.45
CA LEU C 54 6.26 -5.24 15.59
C LEU C 54 4.81 -5.48 16.00
N PHE C 55 4.54 -5.63 17.30
CA PHE C 55 3.17 -5.94 17.80
C PHE C 55 2.20 -4.86 17.31
N ALA C 56 2.59 -3.58 17.36
CA ALA C 56 1.71 -2.45 16.96
C ALA C 56 1.59 -2.40 15.42
N ALA C 57 2.73 -2.37 14.73
CA ALA C 57 2.91 -2.33 13.26
C ALA C 57 2.12 -3.45 12.56
N GLY C 58 2.16 -4.66 13.09
CA GLY C 58 1.50 -5.85 12.52
C GLY C 58 0.03 -5.98 12.90
N ASN C 59 -0.44 -5.17 13.86
CA ASN C 59 -1.80 -5.23 14.46
C ASN C 59 -2.01 -6.61 15.07
N LEU C 60 -1.02 -7.15 15.79
CA LEU C 60 -1.15 -8.52 16.38
C LEU C 60 -2.16 -8.46 17.52
N PRO C 61 -3.14 -9.40 17.55
CA PRO C 61 -4.16 -9.40 18.60
C PRO C 61 -3.69 -10.04 19.91
N SER C 62 -2.56 -10.75 19.89
CA SER C 62 -1.94 -11.37 21.08
C SER C 62 -0.44 -11.46 20.86
N LYS C 63 0.31 -11.72 21.92
CA LYS C 63 1.77 -12.00 21.82
C LYS C 63 1.97 -13.26 21.00
N PRO C 64 2.93 -13.28 20.04
CA PRO C 64 3.17 -14.46 19.22
C PRO C 64 3.70 -15.62 20.07
N VAL C 65 3.30 -16.86 19.75
CA VAL C 65 3.88 -18.07 20.41
C VAL C 65 5.22 -18.35 19.74
N TRP C 66 6.29 -17.73 20.26
CA TRP C 66 7.68 -17.97 19.79
C TRP C 66 8.02 -19.42 20.14
N LEU C 67 8.67 -20.13 19.23
CA LEU C 67 9.05 -21.56 19.41
C LEU C 67 10.52 -21.59 19.77
N GLU C 68 10.94 -22.68 20.41
CA GLU C 68 12.37 -23.08 20.50
C GLU C 68 12.68 -23.85 19.22
N GLN C 69 13.10 -23.15 18.16
CA GLN C 69 13.37 -23.68 16.80
C GLN C 69 14.65 -24.52 16.88
N VAL C 70 14.59 -25.80 16.53
CA VAL C 70 15.77 -26.72 16.51
C VAL C 70 16.04 -27.26 15.09
N HIS C 71 15.61 -26.56 14.02
CA HIS C 71 15.80 -26.94 12.59
C HIS C 71 15.32 -28.40 12.38
N GLY C 72 14.28 -28.82 13.13
CA GLY C 72 13.63 -30.13 13.04
C GLY C 72 12.32 -30.04 12.25
N LYS C 73 11.47 -31.06 12.28
CA LYS C 73 10.17 -31.06 11.52
C LYS C 73 8.96 -31.18 12.45
N ASP C 74 9.10 -30.87 13.73
CA ASP C 74 7.99 -30.96 14.71
C ASP C 74 7.10 -29.72 14.60
N VAL C 75 5.81 -29.94 14.68
CA VAL C 75 4.76 -28.87 14.65
C VAL C 75 4.13 -28.77 16.04
N LEU C 76 4.04 -27.56 16.59
CA LEU C 76 3.28 -27.29 17.81
C LEU C 76 1.87 -26.84 17.44
N LYS C 77 0.85 -27.65 17.74
CA LYS C 77 -0.57 -27.22 17.66
C LYS C 77 -0.87 -26.30 18.84
N LEU C 78 -1.32 -25.08 18.53
CA LEU C 78 -1.45 -23.97 19.51
C LEU C 78 -2.81 -24.04 20.20
N THR C 79 -2.95 -24.98 21.13
CA THR C 79 -4.23 -25.33 21.79
C THR C 79 -4.32 -24.60 23.14
N GLY C 80 -3.31 -23.82 23.48
CA GLY C 80 -3.39 -22.84 24.58
C GLY C 80 -2.27 -23.00 25.58
N GLU C 81 -1.94 -21.90 26.26
CA GLU C 81 -0.93 -21.81 27.35
C GLU C 81 -1.44 -22.62 28.54
N PRO C 82 -0.60 -23.36 29.30
CA PRO C 82 0.81 -23.58 28.99
C PRO C 82 1.10 -24.83 28.13
N TYR C 83 2.23 -24.78 27.42
CA TYR C 83 2.80 -25.91 26.63
C TYR C 83 3.92 -26.53 27.45
N ALA C 84 3.90 -27.87 27.55
CA ALA C 84 4.95 -28.69 28.17
C ALA C 84 6.26 -28.42 27.44
N SER C 85 6.21 -28.32 26.11
CA SER C 85 7.40 -28.07 25.23
C SER C 85 7.01 -27.18 24.03
N LYS C 86 7.82 -26.16 23.75
CA LYS C 86 7.72 -25.34 22.51
C LYS C 86 8.91 -25.66 21.59
N ARG C 87 9.56 -26.82 21.80
CA ARG C 87 10.62 -27.34 20.90
C ARG C 87 9.93 -27.84 19.62
N ALA C 88 9.93 -27.01 18.60
CA ALA C 88 9.18 -27.23 17.35
C ALA C 88 9.73 -26.27 16.29
N ASP C 89 9.55 -26.57 15.02
CA ASP C 89 9.96 -25.64 13.94
C ASP C 89 8.76 -25.19 13.10
N ALA C 90 7.56 -25.42 13.59
CA ALA C 90 6.31 -24.96 12.93
C ALA C 90 5.21 -24.93 13.97
N SER C 91 4.17 -24.14 13.71
CA SER C 91 2.97 -24.11 14.58
C SER C 91 1.71 -24.05 13.73
N TYR C 92 0.61 -24.52 14.29
CA TYR C 92 -0.71 -24.67 13.65
C TYR C 92 -1.76 -24.07 14.58
N SER C 93 -2.66 -23.26 14.03
CA SER C 93 -3.79 -22.71 14.82
C SER C 93 -5.08 -22.82 14.00
N ASN C 94 -6.16 -23.22 14.66
CA ASN C 94 -7.54 -23.05 14.14
C ASN C 94 -8.31 -22.21 15.15
N THR C 95 -7.60 -21.48 16.01
CA THR C 95 -8.18 -20.65 17.10
C THR C 95 -8.07 -19.17 16.76
N PRO C 96 -9.18 -18.44 16.57
CA PRO C 96 -9.11 -17.00 16.33
C PRO C 96 -8.35 -16.26 17.46
N GLY C 97 -7.44 -15.37 17.09
CA GLY C 97 -6.66 -14.56 18.04
C GLY C 97 -5.25 -15.08 18.28
N THR C 98 -4.98 -16.38 18.07
CA THR C 98 -3.65 -17.01 18.34
C THR C 98 -2.68 -16.75 17.18
N VAL C 99 -1.47 -16.29 17.51
CA VAL C 99 -0.49 -15.85 16.47
C VAL C 99 0.58 -16.94 16.35
N CYS C 100 0.66 -17.52 15.16
CA CYS C 100 1.75 -18.41 14.72
C CYS C 100 2.94 -17.54 14.29
N ALA C 101 4.14 -17.88 14.70
CA ALA C 101 5.32 -17.05 14.37
C ALA C 101 6.54 -17.95 14.18
N VAL C 102 7.30 -17.70 13.11
CA VAL C 102 8.65 -18.31 12.93
C VAL C 102 9.67 -17.19 12.76
N MET C 103 10.89 -17.41 13.23
CA MET C 103 12.06 -16.47 13.20
C MET C 103 13.06 -16.97 12.17
N THR C 104 13.57 -16.10 11.30
CA THR C 104 14.55 -16.50 10.26
C THR C 104 15.57 -15.39 9.99
N ALA C 105 16.73 -15.81 9.51
CA ALA C 105 17.72 -14.96 8.82
C ALA C 105 18.41 -15.79 7.73
N ASP C 106 17.60 -16.29 6.76
CA ASP C 106 17.96 -16.97 5.49
C ASP C 106 17.06 -18.21 5.30
N ALA C 107 16.75 -18.92 6.39
CA ALA C 107 15.80 -20.06 6.41
C ALA C 107 14.47 -19.59 5.81
N LEU C 108 13.80 -20.48 5.07
CA LEU C 108 12.51 -20.20 4.39
C LEU C 108 11.39 -20.15 5.43
N PRO C 109 10.69 -19.01 5.57
CA PRO C 109 9.46 -18.98 6.36
C PRO C 109 8.31 -19.29 5.39
N VAL C 110 7.41 -20.20 5.79
CA VAL C 110 6.17 -20.49 5.04
C VAL C 110 4.97 -20.23 5.95
N LEU C 111 4.10 -19.34 5.48
CA LEU C 111 2.79 -19.08 6.12
C LEU C 111 1.75 -19.83 5.34
N PHE C 112 0.84 -20.48 6.07
CA PHE C 112 -0.25 -21.28 5.47
C PHE C 112 -1.60 -20.76 5.95
N CYS C 113 -2.58 -20.80 5.07
CA CYS C 113 -3.99 -20.69 5.51
C CYS C 113 -4.83 -21.50 4.55
N ASN C 114 -6.08 -21.81 4.93
CA ASN C 114 -7.07 -22.40 4.01
C ASN C 114 -7.89 -21.26 3.40
N ARG C 115 -8.37 -21.47 2.18
CA ARG C 115 -9.18 -20.48 1.43
C ARG C 115 -10.34 -19.96 2.29
N ALA C 116 -10.87 -20.77 3.19
CA ALA C 116 -12.09 -20.45 3.99
C ALA C 116 -11.73 -19.59 5.20
N GLY C 117 -10.44 -19.44 5.52
CA GLY C 117 -10.03 -18.61 6.67
C GLY C 117 -10.47 -19.18 8.00
N THR C 118 -10.25 -20.48 8.22
CA THR C 118 -10.55 -21.18 9.50
C THR C 118 -9.35 -21.96 10.06
N GLU C 119 -8.24 -22.03 9.32
CA GLU C 119 -6.99 -22.68 9.78
C GLU C 119 -5.77 -21.92 9.27
N VAL C 120 -4.77 -21.75 10.13
CA VAL C 120 -3.46 -21.14 9.72
C VAL C 120 -2.30 -21.97 10.29
N ALA C 121 -1.11 -21.69 9.78
CA ALA C 121 0.16 -22.29 10.26
C ALA C 121 1.36 -21.51 9.76
N ALA C 122 2.49 -21.66 10.45
CA ALA C 122 3.79 -21.06 10.10
C ALA C 122 4.86 -22.13 10.28
N ALA C 123 5.72 -22.31 9.27
CA ALA C 123 6.84 -23.25 9.36
C ALA C 123 8.18 -22.54 9.13
N HIS C 124 9.19 -23.00 9.89
CA HIS C 124 10.59 -22.56 9.81
C HIS C 124 11.36 -23.62 9.05
N ALA C 125 11.63 -23.35 7.78
CA ALA C 125 12.18 -24.32 6.81
C ALA C 125 13.57 -23.88 6.35
N GLY C 126 14.53 -23.96 7.27
CA GLY C 126 15.95 -24.09 6.93
C GLY C 126 16.20 -25.38 6.15
N TRP C 127 17.40 -25.57 5.59
CA TRP C 127 17.68 -26.69 4.66
C TRP C 127 17.48 -28.01 5.41
N ARG C 128 17.92 -28.10 6.67
CA ARG C 128 17.74 -29.29 7.53
C ARG C 128 16.24 -29.64 7.67
N GLY C 129 15.40 -28.69 8.11
CA GLY C 129 13.96 -28.91 8.32
C GLY C 129 13.24 -29.15 7.00
N LEU C 130 13.56 -28.35 5.98
CA LEU C 130 12.94 -28.51 4.65
C LEU C 130 13.15 -29.95 4.20
N CYS C 131 14.39 -30.43 4.28
CA CYS C 131 14.74 -31.80 3.82
C CYS C 131 13.98 -32.85 4.63
N ALA C 132 13.94 -32.71 5.95
CA ALA C 132 13.29 -33.62 6.91
C ALA C 132 11.79 -33.72 6.69
N GLY C 133 11.12 -32.68 6.18
CA GLY C 133 9.68 -32.71 5.90
C GLY C 133 8.85 -31.76 6.76
N VAL C 134 9.39 -30.63 7.24
CA VAL C 134 8.63 -29.71 8.16
C VAL C 134 7.37 -29.20 7.43
N LEU C 135 7.44 -28.97 6.11
CA LEU C 135 6.30 -28.39 5.34
C LEU C 135 5.21 -29.45 5.18
N GLU C 136 5.61 -30.68 4.86
CA GLU C 136 4.69 -31.84 4.81
C GLU C 136 4.02 -32.04 6.18
N GLU C 137 4.78 -31.99 7.28
CA GLU C 137 4.23 -32.18 8.65
C GLU C 137 3.23 -31.07 8.96
N THR C 138 3.55 -29.83 8.56
CA THR C 138 2.65 -28.68 8.82
C THR C 138 1.34 -28.90 8.08
N VAL C 139 1.42 -29.22 6.78
CA VAL C 139 0.23 -29.49 5.94
C VAL C 139 -0.61 -30.59 6.59
N SER C 140 0.03 -31.59 7.20
CA SER C 140 -0.65 -32.76 7.81
C SER C 140 -1.50 -32.35 9.02
N CYS C 141 -1.26 -31.18 9.61
CA CYS C 141 -2.05 -30.68 10.76
C CYS C 141 -3.41 -30.13 10.33
N PHE C 142 -3.58 -29.85 9.03
CA PHE C 142 -4.81 -29.20 8.51
C PHE C 142 -5.94 -30.24 8.42
N ALA C 143 -7.15 -29.82 8.78
CA ALA C 143 -8.42 -30.56 8.51
C ALA C 143 -8.76 -30.46 7.01
N ASP C 144 -8.56 -29.27 6.44
CA ASP C 144 -8.97 -28.98 5.04
C ASP C 144 -8.20 -29.85 4.05
N ASN C 145 -8.82 -30.08 2.90
CA ASN C 145 -8.12 -30.69 1.76
C ASN C 145 -6.86 -29.86 1.48
N PRO C 146 -5.72 -30.50 1.15
CA PRO C 146 -4.56 -29.75 0.66
C PRO C 146 -4.85 -28.83 -0.54
N GLU C 147 -5.81 -29.15 -1.41
CA GLU C 147 -6.05 -28.26 -2.60
C GLU C 147 -6.52 -26.88 -2.11
N ASN C 148 -7.06 -26.80 -0.89
CA ASN C 148 -7.64 -25.55 -0.33
C ASN C 148 -6.59 -24.77 0.45
N ILE C 149 -5.37 -25.30 0.61
CA ILE C 149 -4.34 -24.67 1.50
C ILE C 149 -3.50 -23.72 0.66
N LEU C 150 -3.47 -22.45 1.08
CA LEU C 150 -2.63 -21.42 0.45
C LEU C 150 -1.27 -21.47 1.15
N ALA C 151 -0.17 -21.44 0.39
CA ALA C 151 1.18 -21.35 0.99
C ALA C 151 1.88 -20.08 0.49
N TRP C 152 2.49 -19.35 1.40
CA TRP C 152 3.28 -18.16 1.05
C TRP C 152 4.74 -18.38 1.43
N LEU C 153 5.61 -18.39 0.41
CA LEU C 153 7.10 -18.49 0.58
C LEU C 153 7.64 -17.11 0.95
N GLY C 154 8.01 -16.91 2.23
CA GLY C 154 8.54 -15.64 2.73
C GLY C 154 10.01 -15.42 2.33
N PRO C 155 10.60 -14.27 2.72
CA PRO C 155 11.99 -13.98 2.39
C PRO C 155 12.98 -15.02 2.92
N ALA C 156 13.73 -15.62 2.01
CA ALA C 156 14.80 -16.58 2.38
C ALA C 156 16.08 -16.30 1.57
N ILE C 157 17.15 -17.03 1.85
CA ILE C 157 18.40 -16.97 1.03
C ILE C 157 18.06 -17.63 -0.33
N GLY C 158 18.08 -16.82 -1.39
CA GLY C 158 17.59 -17.18 -2.74
C GLY C 158 18.66 -17.84 -3.60
N PRO C 159 18.30 -18.37 -4.78
CA PRO C 159 19.18 -19.26 -5.54
C PRO C 159 20.51 -18.62 -5.96
N ARG C 160 20.57 -17.29 -6.02
CA ARG C 160 21.80 -16.55 -6.42
C ARG C 160 22.88 -16.70 -5.35
N ALA C 161 22.49 -16.92 -4.08
CA ALA C 161 23.37 -16.80 -2.91
C ALA C 161 23.49 -18.12 -2.13
N PHE C 162 22.51 -19.02 -2.21
CA PHE C 162 22.42 -20.17 -1.25
C PHE C 162 23.47 -21.22 -1.64
N GLU C 163 24.75 -20.89 -1.44
CA GLU C 163 25.88 -21.80 -1.75
C GLU C 163 25.84 -22.95 -0.74
N VAL C 164 25.83 -24.20 -1.22
CA VAL C 164 25.82 -25.42 -0.36
C VAL C 164 26.82 -26.43 -0.88
N GLY C 165 27.27 -27.31 0.01
CA GLY C 165 28.14 -28.45 -0.32
C GLY C 165 27.32 -29.69 -0.55
N GLY C 166 27.98 -30.79 -0.89
CA GLY C 166 27.39 -32.12 -1.12
C GLY C 166 26.59 -32.61 0.08
N GLU C 167 27.04 -32.28 1.31
CA GLU C 167 26.28 -32.55 2.57
C GLU C 167 24.78 -32.34 2.31
N VAL C 168 24.42 -31.13 1.85
CA VAL C 168 23.02 -30.67 1.64
C VAL C 168 22.43 -31.41 0.44
N ARG C 169 23.17 -31.44 -0.68
CA ARG C 169 22.66 -32.03 -1.94
C ARG C 169 22.25 -33.48 -1.70
N GLU C 170 23.10 -34.31 -1.09
CA GLU C 170 22.82 -35.75 -0.93
C GLU C 170 21.57 -35.95 -0.06
N ALA C 171 21.43 -35.15 1.00
CA ALA C 171 20.34 -35.29 1.99
C ALA C 171 19.00 -35.15 1.27
N PHE C 172 18.89 -34.21 0.34
CA PHE C 172 17.64 -33.90 -0.40
C PHE C 172 17.38 -34.99 -1.43
N MET C 173 18.41 -35.34 -2.20
CA MET C 173 18.25 -36.33 -3.30
C MET C 173 17.93 -37.71 -2.72
N ALA C 174 18.43 -38.02 -1.52
CA ALA C 174 18.19 -39.28 -0.79
C ALA C 174 16.68 -39.49 -0.56
N VAL C 175 15.92 -38.40 -0.37
CA VAL C 175 14.49 -38.41 0.03
C VAL C 175 13.56 -38.37 -1.18
N ASP C 176 13.95 -37.65 -2.23
CA ASP C 176 13.10 -37.29 -3.39
C ASP C 176 14.02 -36.86 -4.53
N ALA C 177 14.24 -37.72 -5.53
CA ALA C 177 15.26 -37.53 -6.60
C ALA C 177 15.03 -36.22 -7.36
N LYS C 178 13.78 -35.79 -7.49
CA LYS C 178 13.42 -34.57 -8.27
C LYS C 178 14.15 -33.34 -7.71
N ALA C 179 14.60 -33.39 -6.45
CA ALA C 179 15.32 -32.29 -5.77
C ALA C 179 16.60 -31.94 -6.53
N SER C 180 17.16 -32.87 -7.32
CA SER C 180 18.32 -32.59 -8.21
C SER C 180 18.11 -31.28 -9.00
N ALA C 181 16.91 -31.02 -9.52
CA ALA C 181 16.67 -29.90 -10.47
C ALA C 181 16.84 -28.55 -9.75
N ALA C 182 16.83 -28.53 -8.41
CA ALA C 182 16.95 -27.30 -7.59
C ALA C 182 18.42 -26.98 -7.26
N PHE C 183 19.38 -27.81 -7.69
CA PHE C 183 20.83 -27.58 -7.42
C PHE C 183 21.58 -27.52 -8.76
N ILE C 184 22.51 -26.56 -8.91
CA ILE C 184 23.44 -26.55 -10.07
C ILE C 184 24.86 -26.28 -9.56
N GLN C 185 25.86 -26.97 -10.13
CA GLN C 185 27.30 -26.78 -9.77
C GLN C 185 27.68 -25.32 -10.01
N HIS C 186 28.29 -24.69 -8.99
CA HIS C 186 28.83 -23.30 -9.03
C HIS C 186 30.22 -23.33 -8.39
N GLY C 187 31.24 -23.68 -9.19
CA GLY C 187 32.61 -23.98 -8.72
C GLY C 187 32.69 -25.37 -8.09
N ASP C 188 33.14 -25.45 -6.84
CA ASP C 188 33.20 -26.72 -6.05
C ASP C 188 31.83 -26.98 -5.43
N LYS C 189 31.33 -26.03 -4.64
CA LYS C 189 30.00 -26.08 -3.98
C LYS C 189 28.90 -25.83 -5.02
N TYR C 190 27.64 -26.09 -4.68
CA TYR C 190 26.45 -25.94 -5.56
C TYR C 190 25.60 -24.75 -5.09
N LEU C 191 24.80 -24.20 -6.00
CA LEU C 191 23.74 -23.22 -5.62
C LEU C 191 22.43 -23.99 -5.53
N ALA C 192 21.66 -23.74 -4.46
CA ALA C 192 20.38 -24.41 -4.16
C ALA C 192 19.24 -23.39 -4.25
N ASP C 193 18.12 -23.78 -4.84
CA ASP C 193 16.89 -22.96 -4.91
C ASP C 193 15.95 -23.44 -3.82
N ILE C 194 15.94 -22.76 -2.67
CA ILE C 194 15.17 -23.21 -1.48
C ILE C 194 13.67 -23.10 -1.80
N TYR C 195 13.28 -22.10 -2.60
CA TYR C 195 11.87 -21.90 -3.04
C TYR C 195 11.43 -23.11 -3.89
N GLN C 196 12.28 -23.58 -4.80
CA GLN C 196 11.96 -24.71 -5.73
C GLN C 196 11.79 -25.99 -4.88
N LEU C 197 12.69 -26.22 -3.93
CA LEU C 197 12.57 -27.40 -3.03
C LEU C 197 11.24 -27.33 -2.26
N ALA C 198 10.86 -26.16 -1.75
CA ALA C 198 9.59 -25.94 -1.00
C ALA C 198 8.43 -26.30 -1.90
N ARG C 199 8.43 -25.76 -3.12
CA ARG C 199 7.36 -26.01 -4.12
CA ARG C 199 7.36 -26.01 -4.12
C ARG C 199 7.23 -27.52 -4.33
N GLN C 200 8.36 -28.21 -4.49
CA GLN C 200 8.35 -29.69 -4.66
C GLN C 200 7.68 -30.36 -3.47
N ARG C 201 8.13 -30.07 -2.24
CA ARG C 201 7.59 -30.77 -1.04
C ARG C 201 6.12 -30.44 -0.82
N LEU C 202 5.72 -29.19 -1.04
CA LEU C 202 4.28 -28.81 -0.98
C LEU C 202 3.45 -29.55 -2.04
N ALA C 203 3.90 -29.62 -3.29
CA ALA C 203 3.19 -30.37 -4.37
C ALA C 203 3.13 -31.86 -3.97
N ASN C 204 4.17 -32.39 -3.34
CA ASN C 204 4.17 -33.81 -2.87
C ASN C 204 2.98 -34.09 -1.93
N VAL C 205 2.42 -33.12 -1.20
CA VAL C 205 1.30 -33.34 -0.25
C VAL C 205 0.04 -32.64 -0.76
N GLY C 206 0.04 -32.28 -2.04
CA GLY C 206 -1.15 -31.78 -2.74
C GLY C 206 -1.38 -30.30 -2.55
N VAL C 207 -0.39 -29.52 -2.08
CA VAL C 207 -0.57 -28.05 -1.94
C VAL C 207 -0.08 -27.40 -3.23
N GLU C 208 -0.94 -26.75 -4.02
N GLU C 208 -1.06 -26.78 -3.90
CA GLU C 208 -0.46 -26.07 -5.26
CA GLU C 208 -1.11 -26.25 -5.29
C GLU C 208 -1.10 -24.69 -5.46
C GLU C 208 -0.87 -24.74 -5.28
N GLN C 209 -1.60 -24.05 -4.40
CA GLN C 209 -1.73 -22.57 -4.37
C GLN C 209 -0.52 -22.00 -3.63
N ILE C 210 0.57 -21.72 -4.35
CA ILE C 210 1.82 -21.22 -3.73
C ILE C 210 2.13 -19.78 -4.20
N PHE C 211 2.51 -18.92 -3.26
CA PHE C 211 2.78 -17.48 -3.53
C PHE C 211 4.15 -17.11 -2.95
N GLY C 212 4.55 -15.85 -3.09
CA GLY C 212 5.83 -15.32 -2.59
C GLY C 212 7.03 -15.87 -3.35
N GLY C 213 8.17 -16.00 -2.65
CA GLY C 213 9.45 -16.54 -3.15
C GLY C 213 10.13 -15.61 -4.15
N ASP C 214 9.99 -14.29 -3.99
CA ASP C 214 10.55 -13.28 -4.93
C ASP C 214 11.71 -12.51 -4.29
N ARG C 215 11.92 -12.68 -2.98
CA ARG C 215 12.96 -11.96 -2.21
C ARG C 215 14.24 -12.81 -2.14
N CYS C 216 15.37 -12.17 -1.86
CA CYS C 216 16.63 -12.82 -1.42
C CYS C 216 17.17 -12.04 -0.23
N THR C 217 17.31 -12.74 0.90
CA THR C 217 17.73 -12.17 2.19
C THR C 217 19.21 -11.74 2.13
N TYR C 218 20.04 -12.50 1.42
CA TYR C 218 21.50 -12.23 1.35
C TYR C 218 21.75 -11.05 0.40
N THR C 219 21.22 -11.09 -0.82
CA THR C 219 21.35 -10.00 -1.83
C THR C 219 20.74 -8.70 -1.30
N GLU C 220 19.47 -8.72 -0.86
CA GLU C 220 18.73 -7.50 -0.42
C GLU C 220 19.16 -7.12 1.00
N ASN C 221 20.43 -6.71 1.17
CA ASN C 221 21.07 -6.55 2.49
C ASN C 221 20.50 -5.33 3.22
N GLU C 222 19.91 -4.38 2.49
CA GLU C 222 19.29 -3.15 3.07
C GLU C 222 17.95 -3.50 3.73
N THR C 223 17.36 -4.65 3.43
CA THR C 223 15.99 -5.03 3.87
C THR C 223 16.01 -6.16 4.91
N PHE C 224 16.92 -7.13 4.76
CA PHE C 224 16.92 -8.41 5.52
C PHE C 224 18.26 -8.68 6.18
N PHE C 225 18.22 -9.21 7.41
CA PHE C 225 19.34 -9.97 8.06
C PHE C 225 19.61 -11.26 7.29
N SER C 226 20.88 -11.63 7.16
CA SER C 226 21.28 -12.89 6.49
C SER C 226 22.41 -13.54 7.28
N TYR C 227 22.14 -14.68 7.89
CA TYR C 227 23.15 -15.46 8.62
C TYR C 227 24.33 -15.74 7.70
N ARG C 228 24.09 -15.96 6.40
CA ARG C 228 25.18 -16.33 5.45
C ARG C 228 26.06 -15.11 5.20
N ARG C 229 25.46 -13.92 5.15
CA ARG C 229 26.19 -12.67 4.86
C ARG C 229 26.98 -12.27 6.10
N ASP C 230 26.35 -12.34 7.28
CA ASP C 230 26.76 -11.57 8.49
C ASP C 230 27.35 -12.52 9.55
N LYS C 231 26.94 -13.79 9.58
CA LYS C 231 27.36 -14.82 10.57
C LYS C 231 26.68 -14.53 11.93
N THR C 232 26.95 -13.37 12.51
CA THR C 232 26.29 -12.85 13.74
C THR C 232 25.35 -11.71 13.37
N THR C 233 24.03 -11.94 13.34
CA THR C 233 23.06 -10.97 12.77
C THR C 233 21.71 -11.05 13.52
N GLY C 234 20.78 -10.18 13.16
CA GLY C 234 19.42 -10.19 13.72
C GLY C 234 18.58 -11.36 13.19
N ARG C 235 17.29 -11.33 13.53
CA ARG C 235 16.24 -12.26 13.05
C ARG C 235 15.00 -11.44 12.68
N MET C 236 14.50 -11.67 11.47
CA MET C 236 13.12 -11.35 11.03
C MET C 236 12.20 -12.41 11.61
N ALA C 237 10.91 -12.16 11.51
CA ALA C 237 9.89 -13.20 11.76
C ALA C 237 8.73 -13.01 10.79
N SER C 238 8.01 -14.09 10.58
CA SER C 238 6.76 -14.13 9.80
C SER C 238 5.65 -14.68 10.68
N PHE C 239 4.50 -14.02 10.61
CA PHE C 239 3.36 -14.15 11.55
C PHE C 239 2.08 -14.35 10.76
N ILE C 240 1.20 -15.22 11.28
CA ILE C 240 -0.15 -15.40 10.71
C ILE C 240 -1.13 -15.73 11.84
N TRP C 241 -2.35 -15.22 11.72
CA TRP C 241 -3.42 -15.50 12.70
C TRP C 241 -4.77 -15.44 12.00
N LEU C 242 -5.73 -16.07 12.66
CA LEU C 242 -7.16 -15.92 12.33
C LEU C 242 -7.67 -14.72 13.13
N ILE C 243 -8.36 -13.81 12.47
CA ILE C 243 -8.87 -12.57 13.10
C ILE C 243 -10.12 -12.93 13.92
N LEU C 244 -10.24 -12.36 15.12
CA LEU C 244 -11.46 -12.52 15.96
C LEU C 244 -12.61 -11.76 15.30
N SER D 2 4.88 -7.88 -7.44
CA SER D 2 3.60 -7.27 -7.90
C SER D 2 2.89 -8.19 -8.91
N LYS D 3 3.28 -8.10 -10.20
CA LYS D 3 2.63 -8.80 -11.35
C LYS D 3 3.69 -9.49 -12.21
N LEU D 4 4.88 -9.72 -11.65
CA LEU D 4 6.08 -10.18 -12.38
C LEU D 4 6.80 -11.27 -11.55
N ILE D 5 7.25 -12.32 -12.22
CA ILE D 5 8.28 -13.27 -11.70
C ILE D 5 9.61 -12.88 -12.33
N VAL D 6 10.67 -12.82 -11.53
CA VAL D 6 12.06 -12.58 -12.02
C VAL D 6 12.83 -13.88 -11.86
N PRO D 7 13.31 -14.49 -12.98
CA PRO D 7 14.21 -15.63 -12.88
C PRO D 7 15.29 -15.38 -11.81
N GLN D 8 15.54 -16.36 -10.94
CA GLN D 8 16.50 -16.22 -9.82
CA GLN D 8 16.51 -16.19 -9.82
C GLN D 8 17.75 -17.06 -10.10
N TRP D 9 17.97 -17.40 -11.37
CA TRP D 9 19.27 -17.94 -11.86
C TRP D 9 20.38 -17.00 -11.43
N PRO D 10 21.68 -17.42 -11.47
CA PRO D 10 22.82 -16.52 -11.27
C PRO D 10 23.21 -15.85 -12.60
N GLN D 11 22.23 -15.17 -13.21
CA GLN D 11 22.36 -14.50 -14.52
C GLN D 11 23.42 -13.40 -14.42
N PRO D 12 24.23 -13.16 -15.46
CA PRO D 12 25.16 -12.03 -15.46
C PRO D 12 24.46 -10.68 -15.16
N LYS D 13 25.23 -9.63 -14.88
CA LYS D 13 24.68 -8.30 -14.49
C LYS D 13 24.11 -7.58 -15.72
N GLY D 14 24.58 -7.92 -16.92
CA GLY D 14 24.16 -7.27 -18.18
C GLY D 14 22.89 -7.89 -18.74
N VAL D 15 22.20 -8.73 -17.98
CA VAL D 15 20.95 -9.42 -18.39
C VAL D 15 19.87 -9.12 -17.36
N ALA D 16 18.67 -8.78 -17.81
CA ALA D 16 17.47 -8.70 -16.97
C ALA D 16 16.42 -9.57 -17.62
N ALA D 17 15.52 -10.13 -16.83
CA ALA D 17 14.48 -11.03 -17.35
C ALA D 17 13.24 -10.84 -16.50
N CYS D 18 12.05 -11.04 -17.08
CA CYS D 18 10.81 -11.14 -16.26
C CYS D 18 9.77 -11.96 -17.01
N SER D 19 8.80 -12.46 -16.28
CA SER D 19 7.73 -13.36 -16.77
C SER D 19 6.45 -12.95 -16.05
N SER D 20 5.40 -12.66 -16.80
CA SER D 20 4.18 -12.01 -16.27
C SER D 20 3.33 -13.04 -15.55
N THR D 21 2.41 -12.53 -14.74
CA THR D 21 1.31 -13.29 -14.13
C THR D 21 0.03 -12.64 -14.63
N ARG D 22 -1.11 -13.12 -14.15
CA ARG D 22 -2.46 -12.66 -14.57
C ARG D 22 -2.93 -11.50 -13.67
N ILE D 23 -2.16 -11.16 -12.62
CA ILE D 23 -2.48 -10.15 -11.56
C ILE D 23 -2.17 -8.75 -12.11
N GLY D 24 -2.95 -7.74 -11.74
CA GLY D 24 -2.59 -6.30 -11.79
C GLY D 24 -2.94 -5.60 -13.11
N GLY D 25 -3.92 -6.09 -13.87
CA GLY D 25 -4.30 -5.51 -15.18
C GLY D 25 -5.73 -5.00 -15.17
N VAL D 26 -6.33 -4.78 -16.33
CA VAL D 26 -7.68 -4.16 -16.49
C VAL D 26 -8.63 -5.03 -17.34
N SER D 27 -8.17 -6.15 -17.91
CA SER D 27 -9.05 -7.05 -18.72
C SER D 27 -10.09 -7.72 -17.84
N LEU D 28 -11.26 -7.99 -18.41
CA LEU D 28 -12.41 -8.65 -17.76
C LEU D 28 -12.35 -10.14 -18.02
N PRO D 29 -13.02 -10.98 -17.18
CA PRO D 29 -13.16 -12.41 -17.46
C PRO D 29 -13.61 -12.61 -18.90
N PRO D 30 -13.09 -13.62 -19.65
CA PRO D 30 -12.17 -14.62 -19.12
C PRO D 30 -10.67 -14.26 -19.19
N TYR D 31 -10.37 -12.97 -19.43
CA TYR D 31 -8.98 -12.44 -19.59
C TYR D 31 -8.46 -11.77 -18.31
N ASP D 32 -9.13 -11.97 -17.17
CA ASP D 32 -8.87 -11.21 -15.92
C ASP D 32 -7.49 -11.59 -15.40
N SER D 33 -6.56 -10.63 -15.30
CA SER D 33 -6.74 -9.23 -15.69
C SER D 33 -5.54 -8.71 -16.48
N LEU D 34 -4.35 -9.30 -16.33
CA LEU D 34 -3.15 -8.83 -17.06
C LEU D 34 -2.92 -9.67 -18.33
N ASN D 35 -3.90 -9.66 -19.24
CA ASN D 35 -3.78 -10.31 -20.57
C ASN D 35 -2.85 -9.50 -21.48
N LEU D 36 -1.70 -10.07 -21.84
CA LEU D 36 -0.72 -9.38 -22.75
C LEU D 36 -0.94 -9.81 -24.20
N GLY D 37 -1.88 -10.71 -24.48
CA GLY D 37 -2.03 -11.33 -25.82
C GLY D 37 -3.07 -10.62 -26.66
N ALA D 38 -2.75 -10.33 -27.93
CA ALA D 38 -3.61 -9.54 -28.84
C ALA D 38 -4.50 -10.43 -29.72
N HIS D 39 -4.38 -11.76 -29.61
CA HIS D 39 -4.99 -12.75 -30.57
C HIS D 39 -6.12 -13.56 -29.94
N CYS D 40 -6.49 -13.33 -28.67
CA CYS D 40 -7.39 -14.26 -27.92
C CYS D 40 -8.78 -13.64 -27.75
N GLY D 41 -9.08 -12.54 -28.44
CA GLY D 41 -10.44 -11.94 -28.49
C GLY D 41 -10.70 -10.92 -27.41
N ASP D 42 -9.65 -10.41 -26.73
CA ASP D 42 -9.75 -9.41 -25.65
C ASP D 42 -10.02 -8.03 -26.26
N ASN D 43 -10.39 -7.07 -25.42
CA ASN D 43 -10.47 -5.63 -25.77
C ASN D 43 -9.05 -5.09 -25.97
N PRO D 44 -8.70 -4.69 -27.21
CA PRO D 44 -7.33 -4.30 -27.53
C PRO D 44 -6.89 -3.07 -26.72
N ASP D 45 -7.83 -2.23 -26.27
CA ASP D 45 -7.48 -1.11 -25.34
C ASP D 45 -7.04 -1.66 -23.98
N HIS D 46 -7.68 -2.73 -23.47
CA HIS D 46 -7.29 -3.36 -22.17
C HIS D 46 -5.89 -3.96 -22.33
N VAL D 47 -5.66 -4.70 -23.40
CA VAL D 47 -4.35 -5.33 -23.72
C VAL D 47 -3.28 -4.22 -23.71
N GLU D 48 -3.46 -3.16 -24.50
CA GLU D 48 -2.56 -1.97 -24.53
C GLU D 48 -2.16 -1.58 -23.10
N GLU D 49 -3.12 -1.31 -22.21
CA GLU D 49 -2.87 -0.86 -20.82
C GLU D 49 -2.09 -1.97 -20.09
N ASN D 50 -2.59 -3.21 -20.09
CA ASN D 50 -1.88 -4.35 -19.45
C ASN D 50 -0.39 -4.27 -19.81
N ARG D 51 -0.08 -4.23 -21.11
CA ARG D 51 1.30 -4.20 -21.63
C ARG D 51 2.04 -2.96 -21.08
N LYS D 52 1.43 -1.78 -21.09
CA LYS D 52 2.09 -0.53 -20.61
C LYS D 52 2.50 -0.75 -19.15
N ARG D 53 1.62 -1.39 -18.39
CA ARG D 53 1.79 -1.65 -16.95
C ARG D 53 2.93 -2.65 -16.76
N LEU D 54 3.13 -3.57 -17.70
CA LEU D 54 4.13 -4.66 -17.57
C LEU D 54 5.52 -4.07 -17.77
N PHE D 55 5.72 -3.40 -18.92
CA PHE D 55 6.96 -2.69 -19.34
C PHE D 55 7.45 -1.76 -18.22
N ALA D 56 6.53 -1.03 -17.60
CA ALA D 56 6.80 -0.14 -16.45
C ALA D 56 7.32 -0.98 -15.28
N ALA D 57 6.59 -2.04 -14.91
CA ALA D 57 6.88 -2.89 -13.73
C ALA D 57 8.15 -3.71 -13.96
N GLY D 58 8.47 -4.04 -15.22
CA GLY D 58 9.64 -4.86 -15.56
C GLY D 58 10.84 -4.00 -15.89
N ASN D 59 10.64 -2.67 -15.84
CA ASN D 59 11.63 -1.63 -16.22
C ASN D 59 12.30 -2.03 -17.53
N LEU D 60 11.49 -2.41 -18.53
CA LEU D 60 11.96 -2.79 -19.89
C LEU D 60 12.59 -1.55 -20.53
N PRO D 61 13.80 -1.68 -21.12
CA PRO D 61 14.47 -0.55 -21.77
C PRO D 61 13.84 -0.19 -23.12
N SER D 62 13.04 -1.09 -23.70
CA SER D 62 12.22 -0.80 -24.92
C SER D 62 11.01 -1.74 -25.00
N LYS D 63 10.13 -1.53 -25.98
CA LYS D 63 8.89 -2.34 -26.14
C LYS D 63 9.24 -3.69 -26.74
N PRO D 64 8.67 -4.81 -26.24
CA PRO D 64 9.05 -6.14 -26.71
C PRO D 64 8.70 -6.33 -28.19
N VAL D 65 9.50 -7.13 -28.91
CA VAL D 65 9.21 -7.46 -30.33
C VAL D 65 8.28 -8.66 -30.31
N TRP D 66 6.97 -8.44 -30.38
CA TRP D 66 5.98 -9.54 -30.35
C TRP D 66 6.17 -10.43 -31.59
N LEU D 67 6.21 -11.77 -31.39
CA LEU D 67 6.32 -12.78 -32.46
C LEU D 67 4.94 -13.17 -32.98
N GLU D 68 4.86 -13.44 -34.29
CA GLU D 68 3.74 -14.20 -34.89
C GLU D 68 4.06 -15.68 -34.68
N GLN D 69 3.60 -16.23 -33.56
CA GLN D 69 3.96 -17.60 -33.09
C GLN D 69 3.07 -18.63 -33.80
N VAL D 70 3.64 -19.72 -34.31
CA VAL D 70 2.86 -20.77 -35.03
C VAL D 70 3.18 -22.17 -34.49
N HIS D 71 3.64 -22.27 -33.24
CA HIS D 71 3.99 -23.56 -32.60
C HIS D 71 5.03 -24.29 -33.48
N GLY D 72 5.92 -23.53 -34.13
CA GLY D 72 7.03 -24.05 -34.93
C GLY D 72 8.36 -23.90 -34.22
N LYS D 73 9.46 -23.91 -34.99
CA LYS D 73 10.85 -23.92 -34.47
C LYS D 73 11.69 -22.81 -35.12
N ASP D 74 11.09 -21.77 -35.71
CA ASP D 74 11.85 -20.66 -36.35
C ASP D 74 12.22 -19.62 -35.30
N VAL D 75 13.42 -19.06 -35.40
CA VAL D 75 13.99 -18.10 -34.42
C VAL D 75 14.13 -16.75 -35.13
N LEU D 76 13.65 -15.68 -34.51
CA LEU D 76 13.83 -14.31 -35.04
C LEU D 76 15.11 -13.71 -34.48
N LYS D 77 16.13 -13.51 -35.33
CA LYS D 77 17.38 -12.78 -34.97
C LYS D 77 17.08 -11.27 -34.98
N LEU D 78 17.15 -10.65 -33.80
CA LEU D 78 16.95 -9.21 -33.56
C LEU D 78 18.33 -8.56 -33.41
N THR D 79 19.09 -8.50 -34.52
CA THR D 79 20.45 -7.91 -34.61
C THR D 79 20.54 -6.85 -35.72
N GLY D 80 19.75 -6.97 -36.80
CA GLY D 80 19.76 -6.05 -37.95
C GLY D 80 18.37 -5.67 -38.46
N GLU D 81 18.29 -4.57 -39.22
CA GLU D 81 17.00 -4.15 -39.81
C GLU D 81 17.28 -3.76 -41.26
N PRO D 82 16.56 -4.31 -42.26
CA PRO D 82 15.28 -4.98 -42.02
C PRO D 82 15.39 -6.41 -41.48
N TYR D 83 14.88 -6.66 -40.27
CA TYR D 83 14.86 -8.05 -39.75
C TYR D 83 13.86 -8.81 -40.60
N ALA D 84 13.98 -10.14 -40.66
CA ALA D 84 13.09 -10.91 -41.53
C ALA D 84 11.67 -10.88 -40.97
N SER D 85 10.85 -9.96 -41.45
CA SER D 85 9.41 -9.98 -41.09
C SER D 85 9.01 -11.44 -41.35
N LYS D 86 8.68 -12.19 -40.29
CA LYS D 86 8.43 -13.63 -40.46
C LYS D 86 7.75 -14.21 -39.21
N ARG D 87 7.05 -15.32 -39.41
CA ARG D 87 6.47 -16.14 -38.32
C ARG D 87 7.65 -16.81 -37.59
N ALA D 88 7.72 -16.67 -36.26
CA ALA D 88 8.80 -17.20 -35.39
C ALA D 88 8.19 -17.65 -34.06
N ASP D 89 8.83 -18.62 -33.41
CA ASP D 89 8.41 -19.12 -32.07
C ASP D 89 9.57 -18.88 -31.10
N ALA D 90 10.69 -18.30 -31.58
CA ALA D 90 11.78 -17.86 -30.70
C ALA D 90 12.36 -16.56 -31.23
N SER D 91 13.03 -15.79 -30.39
CA SER D 91 13.82 -14.59 -30.79
C SER D 91 15.10 -14.53 -29.98
N TYR D 92 16.13 -13.90 -30.53
CA TYR D 92 17.50 -13.84 -29.97
C TYR D 92 18.07 -12.46 -30.20
N SER D 93 18.77 -11.89 -29.23
CA SER D 93 19.40 -10.56 -29.37
C SER D 93 20.78 -10.54 -28.70
N ASN D 94 21.65 -9.68 -29.22
CA ASN D 94 22.96 -9.30 -28.61
C ASN D 94 23.01 -7.77 -28.53
N THR D 95 21.90 -7.10 -28.79
CA THR D 95 21.79 -5.62 -28.84
C THR D 95 21.29 -5.12 -27.50
N PRO D 96 22.03 -4.26 -26.77
CA PRO D 96 21.52 -3.74 -25.50
C PRO D 96 20.19 -3.01 -25.71
N GLY D 97 19.26 -3.15 -24.76
CA GLY D 97 17.93 -2.49 -24.82
C GLY D 97 16.90 -3.27 -25.62
N THR D 98 17.31 -4.30 -26.37
CA THR D 98 16.39 -5.10 -27.20
C THR D 98 15.74 -6.19 -26.34
N VAL D 99 14.40 -6.19 -26.26
CA VAL D 99 13.60 -7.14 -25.45
C VAL D 99 13.09 -8.28 -26.34
N CYS D 100 13.56 -9.50 -26.04
CA CYS D 100 13.02 -10.77 -26.56
C CYS D 100 11.80 -11.18 -25.70
N ALA D 101 10.69 -11.53 -26.33
CA ALA D 101 9.39 -11.81 -25.67
C ALA D 101 8.67 -13.00 -26.33
N VAL D 102 8.14 -13.89 -25.49
CA VAL D 102 7.30 -15.03 -25.97
C VAL D 102 6.00 -15.04 -25.16
N MET D 103 4.88 -15.34 -25.83
CA MET D 103 3.50 -15.33 -25.28
C MET D 103 2.99 -16.76 -25.03
N THR D 104 2.52 -17.04 -23.80
CA THR D 104 2.11 -18.39 -23.36
C THR D 104 0.87 -18.38 -22.44
N ALA D 105 0.18 -19.53 -22.38
CA ALA D 105 -0.89 -19.85 -21.42
C ALA D 105 -0.93 -21.37 -21.22
N ASP D 106 0.25 -21.96 -20.95
CA ASP D 106 0.51 -23.42 -20.77
C ASP D 106 1.79 -23.84 -21.50
N ALA D 107 2.07 -23.33 -22.71
CA ALA D 107 3.30 -23.68 -23.47
C ALA D 107 4.54 -23.27 -22.65
N LEU D 108 5.64 -24.00 -22.76
CA LEU D 108 6.86 -23.72 -21.96
C LEU D 108 7.54 -22.49 -22.55
N PRO D 109 7.68 -21.40 -21.76
CA PRO D 109 8.58 -20.30 -22.12
C PRO D 109 9.99 -20.66 -21.64
N VAL D 110 10.99 -20.53 -22.49
CA VAL D 110 12.41 -20.73 -22.06
C VAL D 110 13.18 -19.45 -22.39
N LEU D 111 13.79 -18.86 -21.36
CA LEU D 111 14.69 -17.67 -21.49
C LEU D 111 16.14 -18.14 -21.39
N PHE D 112 16.99 -17.71 -22.32
CA PHE D 112 18.42 -18.09 -22.45
C PHE D 112 19.30 -16.85 -22.26
N CYS D 113 20.50 -17.03 -21.72
CA CYS D 113 21.60 -16.03 -21.79
C CYS D 113 22.93 -16.78 -21.66
N ASN D 114 24.02 -16.09 -21.99
CA ASN D 114 25.40 -16.61 -21.80
C ASN D 114 25.98 -16.02 -20.50
N ARG D 115 26.86 -16.76 -19.83
CA ARG D 115 27.60 -16.30 -18.61
C ARG D 115 28.23 -14.91 -18.84
N ALA D 116 28.70 -14.59 -20.05
CA ALA D 116 29.35 -13.31 -20.41
C ALA D 116 28.36 -12.15 -20.19
N GLY D 117 27.07 -12.41 -20.40
CA GLY D 117 26.00 -11.40 -20.29
C GLY D 117 25.96 -10.48 -21.49
N THR D 118 26.18 -11.04 -22.68
CA THR D 118 26.21 -10.33 -23.99
C THR D 118 25.29 -11.00 -25.04
N GLU D 119 24.52 -12.03 -24.68
CA GLU D 119 23.58 -12.70 -25.63
C GLU D 119 22.33 -13.17 -24.87
N VAL D 120 21.17 -13.00 -25.48
CA VAL D 120 19.86 -13.45 -24.89
C VAL D 120 19.00 -14.06 -25.98
N ALA D 121 17.99 -14.80 -25.52
CA ALA D 121 16.95 -15.40 -26.38
C ALA D 121 15.79 -15.87 -25.51
N ALA D 122 14.61 -15.88 -26.10
CA ALA D 122 13.36 -16.39 -25.52
C ALA D 122 12.72 -17.30 -26.54
N ALA D 123 12.20 -18.44 -26.09
CA ALA D 123 11.56 -19.46 -26.96
C ALA D 123 10.21 -19.86 -26.36
N HIS D 124 9.23 -19.96 -27.26
CA HIS D 124 7.87 -20.52 -27.05
C HIS D 124 7.91 -22.00 -27.42
N ALA D 125 7.88 -22.85 -26.40
CA ALA D 125 8.02 -24.31 -26.58
C ALA D 125 6.71 -24.99 -26.14
N GLY D 126 5.68 -24.89 -26.97
CA GLY D 126 4.47 -25.71 -26.82
C GLY D 126 4.88 -27.14 -27.08
N TRP D 127 4.05 -28.13 -26.80
CA TRP D 127 4.49 -29.52 -27.03
C TRP D 127 4.93 -29.71 -28.49
N ARG D 128 4.23 -29.10 -29.45
N ARG D 128 4.23 -29.10 -29.45
CA ARG D 128 4.51 -29.25 -30.90
CA ARG D 128 4.52 -29.24 -30.90
C ARG D 128 5.89 -28.66 -31.26
C ARG D 128 5.90 -28.67 -31.24
N GLY D 129 6.14 -27.39 -30.91
CA GLY D 129 7.44 -26.73 -31.13
C GLY D 129 8.55 -27.45 -30.40
N LEU D 130 8.30 -27.78 -29.13
CA LEU D 130 9.31 -28.47 -28.28
C LEU D 130 9.75 -29.74 -28.99
N CYS D 131 8.79 -30.54 -29.43
CA CYS D 131 9.02 -31.82 -30.15
C CYS D 131 9.81 -31.53 -31.44
N ALA D 132 9.50 -30.44 -32.13
CA ALA D 132 10.08 -30.16 -33.47
C ALA D 132 11.49 -29.60 -33.31
N GLY D 133 11.87 -29.13 -32.11
CA GLY D 133 13.26 -28.70 -31.78
C GLY D 133 13.46 -27.19 -31.66
N VAL D 134 12.46 -26.40 -31.26
CA VAL D 134 12.60 -24.92 -31.13
C VAL D 134 13.80 -24.60 -30.21
N LEU D 135 14.00 -25.35 -29.11
CA LEU D 135 15.05 -25.03 -28.13
C LEU D 135 16.43 -25.27 -28.75
N GLU D 136 16.63 -26.39 -29.47
CA GLU D 136 17.87 -26.67 -30.24
C GLU D 136 18.14 -25.49 -31.20
N GLU D 137 17.11 -24.99 -31.90
CA GLU D 137 17.25 -23.88 -32.90
C GLU D 137 17.65 -22.59 -32.18
N THR D 138 16.98 -22.26 -31.07
CA THR D 138 17.30 -21.08 -30.22
C THR D 138 18.76 -21.17 -29.79
N VAL D 139 19.24 -22.34 -29.37
CA VAL D 139 20.64 -22.51 -28.85
C VAL D 139 21.64 -22.32 -30.00
N SER D 140 21.29 -22.79 -31.21
CA SER D 140 22.08 -22.70 -32.47
C SER D 140 22.48 -21.26 -32.77
N CYS D 141 21.67 -20.27 -32.35
CA CYS D 141 21.87 -18.85 -32.71
C CYS D 141 22.94 -18.19 -31.84
N PHE D 142 23.35 -18.84 -30.74
CA PHE D 142 24.29 -18.24 -29.76
C PHE D 142 25.70 -18.35 -30.35
N ALA D 143 26.55 -17.35 -30.11
CA ALA D 143 28.01 -17.38 -30.40
C ALA D 143 28.73 -18.22 -29.33
N ASP D 144 28.49 -17.95 -28.04
CA ASP D 144 29.13 -18.67 -26.91
C ASP D 144 28.97 -20.18 -27.11
N ASN D 145 29.85 -20.97 -26.51
CA ASN D 145 29.73 -22.45 -26.50
C ASN D 145 28.52 -22.81 -25.64
N PRO D 146 27.87 -23.98 -25.86
CA PRO D 146 26.60 -24.28 -25.19
C PRO D 146 26.81 -24.41 -23.68
N GLU D 147 28.02 -24.81 -23.27
CA GLU D 147 28.40 -24.99 -21.85
C GLU D 147 28.26 -23.66 -21.11
N ASN D 148 28.29 -22.54 -21.85
CA ASN D 148 28.25 -21.15 -21.30
C ASN D 148 26.84 -20.59 -21.25
N ILE D 149 25.87 -21.25 -21.89
CA ILE D 149 24.45 -20.79 -21.98
C ILE D 149 23.70 -21.21 -20.71
N LEU D 150 22.92 -20.28 -20.15
CA LEU D 150 21.93 -20.56 -19.08
C LEU D 150 20.54 -20.62 -19.71
N ALA D 151 19.73 -21.59 -19.29
CA ALA D 151 18.30 -21.73 -19.64
C ALA D 151 17.48 -21.58 -18.34
N TRP D 152 16.35 -20.87 -18.43
CA TRP D 152 15.33 -20.76 -17.37
C TRP D 152 14.01 -21.28 -17.93
N LEU D 153 13.48 -22.30 -17.29
CA LEU D 153 12.18 -22.92 -17.62
C LEU D 153 11.09 -22.12 -16.89
N GLY D 154 10.32 -21.37 -17.68
CA GLY D 154 9.25 -20.49 -17.20
C GLY D 154 7.98 -21.29 -16.91
N PRO D 155 6.94 -20.61 -16.40
CA PRO D 155 5.69 -21.29 -16.01
C PRO D 155 4.95 -21.84 -17.22
N ALA D 156 4.74 -23.16 -17.19
CA ALA D 156 4.06 -23.97 -18.22
C ALA D 156 3.07 -24.89 -17.51
N ILE D 157 2.35 -25.67 -18.29
CA ILE D 157 1.47 -26.74 -17.74
C ILE D 157 2.39 -27.87 -17.26
N GLY D 158 2.30 -28.20 -15.97
CA GLY D 158 3.27 -29.06 -15.28
C GLY D 158 2.86 -30.53 -15.25
N PRO D 159 3.77 -31.37 -14.71
CA PRO D 159 3.67 -32.83 -14.81
C PRO D 159 2.49 -33.52 -14.11
N ARG D 160 1.77 -32.84 -13.22
CA ARG D 160 0.56 -33.42 -12.57
C ARG D 160 -0.72 -32.96 -13.30
N ALA D 161 -0.61 -32.14 -14.35
CA ALA D 161 -1.76 -31.56 -15.05
C ALA D 161 -1.73 -31.85 -16.55
N PHE D 162 -0.55 -31.98 -17.14
CA PHE D 162 -0.40 -32.06 -18.62
C PHE D 162 -0.73 -33.48 -19.08
N GLU D 163 -2.03 -33.79 -19.09
CA GLU D 163 -2.58 -35.06 -19.62
C GLU D 163 -2.50 -35.03 -21.15
N VAL D 164 -1.97 -36.09 -21.76
CA VAL D 164 -1.84 -36.20 -23.24
C VAL D 164 -2.13 -37.64 -23.62
N GLY D 165 -2.51 -37.86 -24.88
CA GLY D 165 -2.66 -39.20 -25.45
C GLY D 165 -1.32 -39.82 -25.73
N GLY D 166 -1.28 -41.14 -25.87
CA GLY D 166 -0.11 -41.88 -26.35
C GLY D 166 0.43 -41.36 -27.67
N GLU D 167 -0.37 -40.74 -28.55
CA GLU D 167 0.16 -40.22 -29.85
C GLU D 167 1.15 -39.06 -29.62
N VAL D 168 0.97 -38.27 -28.55
CA VAL D 168 1.94 -37.20 -28.18
C VAL D 168 3.24 -37.85 -27.73
N ARG D 169 3.14 -38.84 -26.83
CA ARG D 169 4.30 -39.63 -26.40
C ARG D 169 5.03 -40.19 -27.64
N GLU D 170 4.31 -40.70 -28.62
CA GLU D 170 4.92 -41.31 -29.83
C GLU D 170 5.68 -40.22 -30.59
N ALA D 171 5.10 -39.04 -30.73
CA ALA D 171 5.70 -37.87 -31.42
C ALA D 171 7.09 -37.57 -30.85
N PHE D 172 7.21 -37.50 -29.52
CA PHE D 172 8.46 -37.15 -28.81
C PHE D 172 9.46 -38.29 -28.98
N MET D 173 8.99 -39.53 -28.81
CA MET D 173 9.85 -40.74 -28.82
C MET D 173 10.37 -40.98 -30.23
N ALA D 174 9.61 -40.64 -31.28
CA ALA D 174 10.08 -40.73 -32.68
C ALA D 174 11.33 -39.88 -32.89
N VAL D 175 11.48 -38.76 -32.16
CA VAL D 175 12.65 -37.86 -32.31
C VAL D 175 13.74 -38.27 -31.33
N ASP D 176 13.38 -38.63 -30.08
CA ASP D 176 14.37 -38.90 -29.01
C ASP D 176 13.74 -39.90 -28.02
N ALA D 177 14.05 -41.19 -28.15
CA ALA D 177 13.30 -42.27 -27.46
C ALA D 177 13.39 -42.14 -25.93
N LYS D 178 14.46 -41.55 -25.39
CA LYS D 178 14.61 -41.32 -23.92
C LYS D 178 13.46 -40.41 -23.42
N ALA D 179 12.73 -39.76 -24.33
CA ALA D 179 11.51 -38.97 -24.00
C ALA D 179 10.50 -39.82 -23.20
N SER D 180 10.53 -41.14 -23.36
CA SER D 180 9.65 -42.10 -22.63
C SER D 180 9.76 -41.88 -21.11
N ALA D 181 10.90 -41.41 -20.60
CA ALA D 181 11.11 -41.10 -19.16
C ALA D 181 10.15 -39.99 -18.69
N ALA D 182 9.65 -39.13 -19.60
CA ALA D 182 8.87 -37.92 -19.23
C ALA D 182 7.35 -38.18 -19.26
N PHE D 183 6.92 -39.41 -19.58
CA PHE D 183 5.48 -39.77 -19.70
C PHE D 183 5.15 -40.81 -18.63
N ILE D 184 4.32 -40.44 -17.65
CA ILE D 184 3.83 -41.35 -16.57
C ILE D 184 2.44 -41.84 -17.02
N GLN D 185 2.27 -43.17 -17.09
CA GLN D 185 0.96 -43.82 -17.35
C GLN D 185 -0.10 -43.21 -16.43
N HIS D 186 -1.25 -42.85 -16.99
CA HIS D 186 -2.39 -42.20 -16.28
C HIS D 186 -3.67 -42.72 -16.90
N GLY D 187 -4.09 -43.92 -16.49
CA GLY D 187 -5.15 -44.67 -17.17
C GLY D 187 -4.70 -45.08 -18.56
N ASP D 188 -5.50 -44.77 -19.59
CA ASP D 188 -5.16 -45.05 -21.01
C ASP D 188 -4.45 -43.82 -21.59
N LYS D 189 -4.11 -42.82 -20.75
CA LYS D 189 -3.40 -41.58 -21.18
C LYS D 189 -2.04 -41.51 -20.49
N TYR D 190 -1.40 -40.35 -20.55
CA TYR D 190 -0.08 -40.09 -19.92
C TYR D 190 -0.14 -38.73 -19.22
N LEU D 191 0.62 -38.57 -18.15
CA LEU D 191 1.00 -37.21 -17.65
C LEU D 191 2.40 -36.93 -18.17
N ALA D 192 2.54 -35.86 -18.95
CA ALA D 192 3.80 -35.46 -19.61
C ALA D 192 4.47 -34.39 -18.76
N ASP D 193 5.79 -34.51 -18.59
CA ASP D 193 6.62 -33.49 -17.89
C ASP D 193 7.36 -32.68 -18.96
N ILE D 194 6.82 -31.51 -19.27
CA ILE D 194 7.32 -30.62 -20.37
C ILE D 194 8.70 -30.04 -19.96
N TYR D 195 8.93 -29.82 -18.67
CA TYR D 195 10.21 -29.39 -18.04
C TYR D 195 11.27 -30.45 -18.27
N GLN D 196 10.93 -31.71 -18.02
CA GLN D 196 11.85 -32.85 -18.23
C GLN D 196 12.19 -32.97 -19.73
N LEU D 197 11.20 -32.87 -20.60
CA LEU D 197 11.37 -32.94 -22.07
C LEU D 197 12.26 -31.76 -22.51
N ALA D 198 12.12 -30.58 -21.87
CA ALA D 198 12.98 -29.40 -22.16
C ALA D 198 14.42 -29.72 -21.77
N ARG D 199 14.63 -30.15 -20.53
CA ARG D 199 15.96 -30.55 -20.01
C ARG D 199 16.63 -31.53 -20.99
N GLN D 200 15.89 -32.46 -21.59
CA GLN D 200 16.46 -33.50 -22.49
C GLN D 200 16.99 -32.82 -23.76
N ARG D 201 16.19 -31.96 -24.38
CA ARG D 201 16.58 -31.36 -25.68
C ARG D 201 17.80 -30.48 -25.44
N LEU D 202 17.82 -29.79 -24.29
CA LEU D 202 18.90 -28.83 -23.91
C LEU D 202 20.17 -29.65 -23.67
N ALA D 203 20.07 -30.81 -23.02
CA ALA D 203 21.20 -31.72 -22.76
C ALA D 203 21.74 -32.20 -24.11
N ASN D 204 20.85 -32.53 -25.02
CA ASN D 204 21.22 -33.02 -26.38
C ASN D 204 22.17 -32.03 -27.08
N VAL D 205 22.06 -30.71 -26.83
CA VAL D 205 22.89 -29.65 -27.49
C VAL D 205 23.93 -29.04 -26.53
N GLY D 206 24.14 -29.64 -25.35
CA GLY D 206 25.25 -29.28 -24.45
C GLY D 206 24.90 -28.21 -23.45
N VAL D 207 23.65 -27.74 -23.41
CA VAL D 207 23.23 -26.77 -22.35
C VAL D 207 23.00 -27.60 -21.08
N GLU D 208 23.70 -27.28 -19.99
CA GLU D 208 23.61 -28.04 -18.72
C GLU D 208 23.33 -27.13 -17.53
N GLN D 209 23.18 -25.82 -17.71
CA GLN D 209 22.90 -24.87 -16.61
C GLN D 209 21.43 -24.45 -16.67
N ILE D 210 20.52 -25.31 -16.20
CA ILE D 210 19.06 -25.11 -16.39
C ILE D 210 18.42 -24.79 -15.03
N PHE D 211 17.51 -23.82 -15.00
CA PHE D 211 16.86 -23.27 -13.78
C PHE D 211 15.35 -23.29 -13.98
N GLY D 212 14.59 -23.17 -12.88
CA GLY D 212 13.13 -23.02 -12.88
C GLY D 212 12.44 -24.35 -13.09
N GLY D 213 11.26 -24.31 -13.71
CA GLY D 213 10.50 -25.52 -14.08
C GLY D 213 9.74 -26.09 -12.90
N ASP D 214 9.24 -25.23 -12.01
CA ASP D 214 8.64 -25.63 -10.71
C ASP D 214 7.21 -25.08 -10.59
N ARG D 215 6.65 -24.58 -11.69
CA ARG D 215 5.32 -23.93 -11.68
C ARG D 215 4.34 -24.79 -12.46
N CYS D 216 3.05 -24.46 -12.39
CA CYS D 216 2.01 -25.14 -13.17
C CYS D 216 0.90 -24.13 -13.46
N THR D 217 0.78 -23.74 -14.72
CA THR D 217 -0.16 -22.70 -15.19
C THR D 217 -1.58 -23.22 -14.98
N TYR D 218 -1.79 -24.54 -15.12
CA TYR D 218 -3.11 -25.18 -14.96
C TYR D 218 -3.54 -25.11 -13.47
N THR D 219 -2.68 -25.51 -12.57
CA THR D 219 -3.02 -25.66 -11.13
C THR D 219 -3.13 -24.30 -10.42
N GLU D 220 -2.20 -23.39 -10.70
CA GLU D 220 -2.04 -22.06 -10.06
C GLU D 220 -2.95 -21.02 -10.73
N ASN D 221 -4.26 -21.25 -10.71
CA ASN D 221 -5.25 -20.40 -11.43
C ASN D 221 -5.32 -18.97 -10.84
N GLU D 222 -4.82 -18.73 -9.62
CA GLU D 222 -4.78 -17.38 -9.02
C GLU D 222 -3.65 -16.59 -9.68
N THR D 223 -2.65 -17.29 -10.22
CA THR D 223 -1.37 -16.69 -10.71
C THR D 223 -1.32 -16.66 -12.26
N PHE D 224 -1.79 -17.72 -12.93
CA PHE D 224 -1.59 -17.90 -14.39
C PHE D 224 -2.90 -18.14 -15.13
N PHE D 225 -2.95 -17.67 -16.38
CA PHE D 225 -3.90 -18.12 -17.42
C PHE D 225 -3.53 -19.54 -17.88
N SER D 226 -4.52 -20.33 -18.27
CA SER D 226 -4.31 -21.70 -18.77
C SER D 226 -5.29 -21.99 -19.90
N TYR D 227 -4.78 -22.20 -21.12
CA TYR D 227 -5.64 -22.60 -22.25
C TYR D 227 -6.36 -23.91 -21.91
N ARG D 228 -5.64 -24.90 -21.37
CA ARG D 228 -6.20 -26.22 -20.97
C ARG D 228 -7.28 -26.05 -19.89
N ARG D 229 -7.08 -25.19 -18.89
CA ARG D 229 -8.08 -24.97 -17.81
C ARG D 229 -9.29 -24.21 -18.38
N ASP D 230 -9.07 -23.08 -19.07
CA ASP D 230 -10.13 -22.07 -19.34
C ASP D 230 -10.49 -21.92 -20.84
N LYS D 231 -9.83 -22.59 -21.80
CA LYS D 231 -10.11 -22.52 -23.27
C LYS D 231 -9.80 -21.10 -23.79
N THR D 232 -10.80 -20.26 -23.97
CA THR D 232 -10.60 -18.83 -24.32
C THR D 232 -10.14 -18.07 -23.07
N THR D 233 -8.96 -17.47 -23.11
CA THR D 233 -8.38 -16.83 -21.91
C THR D 233 -7.20 -15.98 -22.34
N GLY D 234 -6.58 -15.35 -21.35
CA GLY D 234 -5.50 -14.37 -21.54
C GLY D 234 -4.17 -15.07 -21.74
N ARG D 235 -3.14 -14.27 -22.01
CA ARG D 235 -1.75 -14.74 -22.22
C ARG D 235 -0.82 -14.03 -21.25
N MET D 236 0.11 -14.80 -20.67
CA MET D 236 1.35 -14.28 -20.04
C MET D 236 2.37 -14.06 -21.14
N ALA D 237 3.45 -13.37 -20.79
CA ALA D 237 4.68 -13.28 -21.60
C ALA D 237 5.89 -13.38 -20.67
N SER D 238 6.95 -13.99 -21.19
CA SER D 238 8.30 -14.05 -20.60
C SER D 238 9.22 -13.24 -21.50
N PHE D 239 10.06 -12.42 -20.87
CA PHE D 239 10.88 -11.34 -21.48
C PHE D 239 12.31 -11.47 -20.96
N ILE D 240 13.28 -11.27 -21.86
CA ILE D 240 14.70 -11.18 -21.45
C ILE D 240 15.38 -10.13 -22.32
N TRP D 241 16.27 -9.33 -21.74
CA TRP D 241 17.02 -8.29 -22.50
C TRP D 241 18.42 -8.08 -21.90
N LEU D 242 19.34 -7.60 -22.74
CA LEU D 242 20.65 -7.08 -22.27
C LEU D 242 20.43 -5.68 -21.71
N ILE D 243 20.67 -5.47 -20.41
CA ILE D 243 20.34 -4.21 -19.68
C ILE D 243 21.07 -3.03 -20.33
N LEU D 244 20.48 -1.84 -20.25
CA LEU D 244 21.15 -0.55 -20.62
C LEU D 244 20.60 0.59 -19.76
#